data_5GPB
#
_entry.id   5GPB
#
_cell.length_a   128.500
_cell.length_b   128.500
_cell.length_c   116.300
_cell.angle_alpha   90.00
_cell.angle_beta   90.00
_cell.angle_gamma   90.00
#
_symmetry.space_group_name_H-M   'P 43 21 2'
#
loop_
_entity.id
_entity.type
_entity.pdbx_description
1 polymer 'GLYCOGEN PHOSPHORYLASE B'
2 branched alpha-D-glucopyranose-(1-4)-alpha-D-glucopyranose-(1-4)-alpha-D-glucopyranose-(1-4)-alpha-D-glucopyranose-(1-4)-alpha-D-glucopyranose
3 non-polymer (1S)-1,5-anhydro-1-(phosphonomethyl)-D-glucitol
4 non-polymer "PYRIDOXAL-5'-PHOSPHATE"
5 water water
#
_entity_poly.entity_id   1
_entity_poly.type   'polypeptide(L)'
_entity_poly.pdbx_seq_one_letter_code
;SRPLSDQEKRKQISVRGLAGVENVTELKKNFNRHLHFTLVKDRNVATPRDYYFALAHTVRDHLVGRWIRTQQHYYEKDPK
RIYYLSLEFYMGRTLQNTMVNLALENACDEATYQLGLDMEELEEIEEDAGLGNGGLGRLAACFLDSMATLGLAAYGYGIR
YEFGIFNQKICGGWQMEEADDWLRYGNPWEKARPEFTLPVHFYGRVEHTSQGAKWVDTQVVLAMPYDTPVPGYRNNVVNT
MRLWSAKAPNDFNLKDFNVGGYIQAVLDRNLAENISRVLYPNDNFFEGKELRLKQEYFVVAATLQDIIRRFKSSKFGCRD
PVRTNFDAFPDKVAIQLNDTHPSLAIPELMRVLVDLERLDWDKAWEVTVKTCAYTNHTVIPEALERWPVHLLETLLPRHL
QIIYEINQRFLNRVAAAFPGDVDRLRRMSLVEEGAVKRINMAHLCIAGSHAVNGVARIHSEILKKTIFKDFYELEPHKFQ
NKTNGITPRRWLVLCNPGLAEIIAERIGEEYISDLDQLRKLLSYVDDEAFIRDVAKVKQENKLKFAAYLEREYKVHINPN
SLFDVQVKRIHEYKRQLLNCLHVITLYNRIKKEPNKFVVPRTVMIGGKAAPGYHMAKMIIKLITAIGDVVNHDPVVGDRL
RVIFLENYRVSLAEKVIPAADLSEQISTAGTEASGTGNMKFMLNGALTIGTMDGANVEMAEEAGEENFFIFGMRVEDVDR
LDQRGYNAQEYYDRIPELRQIIEQLSSGFFSPKQPDLFKDIVNMLMHHDRFKVFADYEEYVKCQERVSALYKNPREWTRM
VIRNIATSGKFSSDRTIAQYAREIWGVEPSRQRLPAPDEKIP
;
_entity_poly.pdbx_strand_id   A
#
loop_
_chem_comp.id
_chem_comp.type
_chem_comp.name
_chem_comp.formula
GLC D-saccharide, alpha linking alpha-D-glucopyranose 'C6 H12 O6'
GPM D-saccharide (1S)-1,5-anhydro-1-(phosphonomethyl)-D-glucitol 'C7 H15 O8 P'
PLP non-polymer PYRIDOXAL-5'-PHOSPHATE 'C8 H10 N O6 P'
#
# COMPACT_ATOMS: atom_id res chain seq x y z
N ARG A 10 -1.91 16.63 -25.65
CA ARG A 10 -2.53 17.38 -26.70
C ARG A 10 -2.35 18.87 -26.37
N LYS A 11 -2.19 19.27 -25.08
CA LYS A 11 -1.85 20.64 -24.65
C LYS A 11 -1.98 20.72 -23.13
N GLN A 12 -1.35 21.72 -22.48
CA GLN A 12 -1.60 22.07 -21.08
C GLN A 12 -0.74 23.23 -20.60
N ILE A 13 -1.36 23.96 -19.66
CA ILE A 13 -0.82 25.15 -18.97
C ILE A 13 -1.11 24.83 -17.48
N SER A 14 -2.38 24.62 -17.04
CA SER A 14 -2.79 24.24 -15.68
C SER A 14 -2.21 25.13 -14.57
N VAL A 15 -2.51 24.80 -13.31
CA VAL A 15 -1.82 25.48 -12.24
C VAL A 15 -0.95 24.46 -11.47
N ARG A 16 0.11 24.19 -12.23
CA ARG A 16 1.18 23.38 -11.74
C ARG A 16 2.16 24.41 -11.14
N GLY A 17 1.64 25.46 -10.49
CA GLY A 17 2.43 26.58 -10.02
C GLY A 17 2.89 27.53 -11.15
N LEU A 18 3.73 28.45 -10.68
CA LEU A 18 4.36 29.49 -11.46
C LEU A 18 5.67 29.10 -12.21
N ALA A 19 5.82 29.62 -13.42
CA ALA A 19 6.99 29.38 -14.23
C ALA A 19 7.51 30.78 -14.31
N GLY A 20 8.03 31.33 -13.19
CA GLY A 20 8.56 32.71 -13.15
C GLY A 20 10.03 32.96 -13.54
N VAL A 21 10.25 33.96 -14.42
CA VAL A 21 11.51 34.45 -15.00
C VAL A 21 12.87 34.02 -14.42
N GLU A 22 13.31 34.45 -13.21
CA GLU A 22 14.55 33.99 -12.56
C GLU A 22 14.68 32.49 -12.32
N ASN A 23 13.63 31.88 -11.77
CA ASN A 23 13.66 30.46 -11.51
C ASN A 23 13.67 29.56 -12.74
N VAL A 24 13.02 29.80 -13.87
CA VAL A 24 13.17 28.92 -15.05
C VAL A 24 14.66 28.96 -15.48
N THR A 25 15.26 30.15 -15.41
CA THR A 25 16.66 30.42 -15.75
C THR A 25 17.63 29.68 -14.84
N GLU A 26 17.39 29.81 -13.54
CA GLU A 26 18.15 29.09 -12.53
C GLU A 26 18.10 27.59 -12.84
N LEU A 27 16.93 27.07 -13.15
CA LEU A 27 16.73 25.67 -13.44
C LEU A 27 17.54 25.17 -14.60
N LYS A 28 17.41 25.79 -15.75
CA LYS A 28 18.12 25.33 -16.93
C LYS A 28 19.62 25.28 -16.73
N LYS A 29 20.16 26.24 -16.00
CA LYS A 29 21.58 26.27 -15.72
C LYS A 29 21.95 25.06 -14.88
N ASN A 30 21.16 24.77 -13.85
CA ASN A 30 21.47 23.68 -12.97
C ASN A 30 21.26 22.33 -13.61
N PHE A 31 20.45 22.27 -14.65
CA PHE A 31 20.19 21.08 -15.44
C PHE A 31 21.46 20.77 -16.22
N ASN A 32 21.94 21.78 -16.95
CA ASN A 32 23.15 21.66 -17.72
C ASN A 32 24.41 21.40 -16.90
N ARG A 33 24.45 21.87 -15.66
CA ARG A 33 25.48 21.60 -14.66
C ARG A 33 25.52 20.12 -14.30
N HIS A 34 24.41 19.50 -13.90
CA HIS A 34 24.38 18.08 -13.58
C HIS A 34 24.62 17.21 -14.75
N LEU A 35 24.19 17.55 -15.92
CA LEU A 35 24.44 16.68 -17.06
C LEU A 35 25.97 16.59 -17.32
N HIS A 36 26.73 17.61 -16.90
CA HIS A 36 28.16 17.68 -17.19
C HIS A 36 29.00 17.17 -16.04
N PHE A 37 28.89 17.82 -14.89
CA PHE A 37 29.59 17.44 -13.74
C PHE A 37 29.06 16.19 -13.09
N THR A 38 27.74 15.90 -12.98
CA THR A 38 27.22 14.67 -12.33
C THR A 38 27.21 13.48 -13.28
N LEU A 39 26.74 13.80 -14.47
CA LEU A 39 26.55 12.80 -15.47
C LEU A 39 27.73 12.57 -16.37
N VAL A 40 28.57 13.60 -16.60
CA VAL A 40 29.81 13.46 -17.37
C VAL A 40 29.37 12.96 -18.74
N LYS A 41 28.34 13.66 -19.22
CA LYS A 41 27.70 13.40 -20.48
C LYS A 41 27.59 14.78 -21.11
N ASP A 42 27.65 14.85 -22.43
CA ASP A 42 27.51 16.13 -23.07
C ASP A 42 26.34 15.98 -24.00
N ARG A 43 25.87 17.16 -24.38
CA ARG A 43 24.66 17.31 -25.18
C ARG A 43 24.56 16.40 -26.38
N ASN A 44 25.67 16.13 -27.04
CA ASN A 44 25.69 15.33 -28.25
C ASN A 44 25.61 13.82 -28.02
N VAL A 45 25.86 13.43 -26.76
CA VAL A 45 25.80 12.03 -26.33
C VAL A 45 24.82 11.72 -25.20
N ALA A 46 24.13 12.68 -24.59
CA ALA A 46 23.22 12.37 -23.50
C ALA A 46 21.89 11.86 -24.03
N THR A 47 21.45 10.65 -23.63
CA THR A 47 20.15 10.09 -23.97
C THR A 47 19.01 10.56 -23.05
N PRO A 48 17.71 10.27 -23.30
CA PRO A 48 16.60 10.67 -22.44
C PRO A 48 16.77 10.20 -21.02
N ARG A 49 17.51 9.12 -20.75
CA ARG A 49 17.73 8.71 -19.38
C ARG A 49 18.69 9.68 -18.71
N ASP A 50 19.66 10.21 -19.46
CA ASP A 50 20.65 11.11 -18.88
C ASP A 50 19.93 12.39 -18.62
N TYR A 51 19.06 12.80 -19.56
CA TYR A 51 18.23 13.98 -19.33
C TYR A 51 17.31 13.77 -18.16
N TYR A 52 16.69 12.59 -17.94
CA TYR A 52 15.99 12.33 -16.71
C TYR A 52 16.86 12.52 -15.46
N PHE A 53 18.09 12.02 -15.36
CA PHE A 53 18.85 12.16 -14.10
C PHE A 53 19.30 13.60 -13.83
N ALA A 54 19.65 14.41 -14.85
CA ALA A 54 20.00 15.81 -14.66
C ALA A 54 18.83 16.55 -14.06
N LEU A 55 17.57 16.36 -14.56
CA LEU A 55 16.38 17.00 -13.94
C LEU A 55 16.08 16.41 -12.57
N ALA A 56 16.05 15.07 -12.36
CA ALA A 56 15.93 14.42 -11.05
C ALA A 56 16.96 15.06 -10.12
N HIS A 57 18.20 15.23 -10.57
CA HIS A 57 19.23 15.86 -9.75
C HIS A 57 19.02 17.33 -9.46
N THR A 58 18.40 18.06 -10.37
CA THR A 58 18.09 19.48 -10.18
C THR A 58 16.85 19.69 -9.30
N VAL A 59 15.86 18.78 -9.38
CA VAL A 59 14.68 18.86 -8.51
C VAL A 59 15.12 18.41 -7.12
N ARG A 60 15.99 17.40 -6.87
CA ARG A 60 16.37 17.17 -5.48
C ARG A 60 17.29 18.25 -4.98
N ASP A 61 17.93 19.07 -5.78
CA ASP A 61 18.65 20.22 -5.22
C ASP A 61 17.72 21.16 -4.47
N HIS A 62 16.48 21.38 -4.90
CA HIS A 62 15.54 22.29 -4.23
C HIS A 62 14.87 21.75 -2.96
N LEU A 63 15.34 20.61 -2.50
CA LEU A 63 14.80 19.80 -1.44
C LEU A 63 15.77 19.61 -0.26
N VAL A 64 17.07 19.55 -0.48
CA VAL A 64 18.00 19.35 0.63
C VAL A 64 17.97 20.53 1.60
N GLY A 65 17.77 21.79 1.16
CA GLY A 65 17.71 22.95 2.07
C GLY A 65 16.64 22.83 3.14
N ARG A 66 15.45 22.58 2.60
CA ARG A 66 14.29 22.29 3.43
C ARG A 66 14.47 21.05 4.32
N TRP A 67 15.01 19.93 3.81
CA TRP A 67 15.24 18.71 4.58
C TRP A 67 16.13 18.87 5.81
N ILE A 68 17.20 19.61 5.58
CA ILE A 68 18.21 19.85 6.60
C ILE A 68 17.63 20.76 7.67
N ARG A 69 16.93 21.80 7.21
CA ARG A 69 16.30 22.70 8.17
C ARG A 69 15.08 22.11 8.88
N THR A 70 14.24 21.27 8.22
CA THR A 70 13.18 20.52 8.86
C THR A 70 13.80 19.62 9.92
N GLN A 71 14.85 18.84 9.66
CA GLN A 71 15.48 18.01 10.71
C GLN A 71 16.23 18.76 11.81
N GLN A 72 16.92 19.88 11.60
CA GLN A 72 17.52 20.59 12.74
C GLN A 72 16.42 21.25 13.55
N HIS A 73 15.36 21.67 12.89
CA HIS A 73 14.19 22.23 13.52
C HIS A 73 13.61 21.31 14.58
N TYR A 74 13.39 20.06 14.23
CA TYR A 74 12.83 19.12 15.19
C TYR A 74 13.82 18.96 16.31
N TYR A 75 15.13 19.03 16.13
CA TYR A 75 16.07 18.89 17.23
C TYR A 75 15.86 20.01 18.24
N GLU A 76 15.75 21.22 17.71
CA GLU A 76 15.50 22.40 18.50
C GLU A 76 14.17 22.37 19.24
N LYS A 77 13.02 22.14 18.58
CA LYS A 77 11.73 22.09 19.27
C LYS A 77 11.51 20.74 19.94
N ASP A 78 11.90 19.63 19.30
CA ASP A 78 11.82 18.25 19.77
C ASP A 78 10.44 17.88 20.28
N PRO A 79 9.62 17.63 19.27
CA PRO A 79 8.27 17.17 19.44
C PRO A 79 8.29 15.71 19.84
N LYS A 80 7.08 15.20 20.04
CA LYS A 80 6.87 13.77 20.06
C LYS A 80 7.10 13.37 18.58
N ARG A 81 7.74 12.23 18.38
CA ARG A 81 8.23 11.78 17.10
C ARG A 81 7.45 10.54 16.83
N ILE A 82 6.96 10.45 15.59
CA ILE A 82 6.17 9.34 15.08
C ILE A 82 7.05 8.44 14.25
N TYR A 83 7.13 7.16 14.60
CA TYR A 83 7.93 6.22 13.88
C TYR A 83 6.99 5.27 13.23
N TYR A 84 6.90 5.24 11.91
CA TYR A 84 6.00 4.37 11.23
C TYR A 84 6.85 3.23 10.68
N LEU A 85 6.74 2.11 11.35
CA LEU A 85 7.41 0.91 11.03
C LEU A 85 6.55 0.08 10.09
N SER A 86 7.05 -0.21 8.92
CA SER A 86 6.32 -1.00 7.96
C SER A 86 7.36 -1.78 7.19
N LEU A 87 7.01 -3.01 6.79
CA LEU A 87 7.94 -3.73 5.95
C LEU A 87 7.77 -3.46 4.46
N GLU A 88 6.75 -2.65 4.10
CA GLU A 88 6.48 -2.33 2.71
C GLU A 88 6.26 -0.87 2.65
N PHE A 89 6.65 -0.20 1.56
CA PHE A 89 6.44 1.22 1.34
C PHE A 89 6.27 1.34 -0.15
N TYR A 90 5.09 1.48 -0.79
CA TYR A 90 4.89 1.44 -2.27
C TYR A 90 4.83 2.85 -2.80
N MET A 91 6.02 3.42 -3.05
CA MET A 91 6.21 4.81 -3.39
C MET A 91 5.94 5.16 -4.82
N GLY A 92 6.08 4.24 -5.74
CA GLY A 92 5.86 4.59 -7.13
C GLY A 92 6.98 5.52 -7.63
N ARG A 93 6.80 6.52 -8.48
CA ARG A 93 7.95 7.35 -8.83
C ARG A 93 7.89 8.65 -8.03
N THR A 94 9.04 9.35 -7.97
CA THR A 94 9.26 10.52 -7.14
C THR A 94 9.46 11.83 -7.87
N LEU A 95 9.79 11.98 -9.15
CA LEU A 95 10.04 13.30 -9.66
C LEU A 95 8.85 14.25 -9.67
N GLN A 96 7.76 13.86 -10.36
CA GLN A 96 6.57 14.71 -10.45
C GLN A 96 5.99 14.90 -9.05
N ASN A 97 5.89 13.92 -8.18
CA ASN A 97 5.42 14.16 -6.83
C ASN A 97 6.19 15.20 -6.06
N THR A 98 7.52 15.27 -6.22
CA THR A 98 8.37 16.26 -5.57
C THR A 98 8.18 17.63 -6.24
N MET A 99 7.97 17.68 -7.56
CA MET A 99 7.64 18.93 -8.24
C MET A 99 6.32 19.49 -7.78
N VAL A 100 5.30 18.66 -7.55
CA VAL A 100 3.99 19.07 -7.05
C VAL A 100 4.14 19.69 -5.68
N ASN A 101 4.79 18.97 -4.78
CA ASN A 101 4.87 19.47 -3.43
C ASN A 101 5.77 20.66 -3.22
N LEU A 102 6.64 20.91 -4.17
CA LEU A 102 7.50 22.09 -4.09
C LEU A 102 6.99 23.21 -4.96
N ALA A 103 6.02 23.02 -5.84
CA ALA A 103 5.44 23.98 -6.78
C ALA A 103 6.33 24.34 -7.98
N LEU A 104 7.10 23.32 -8.38
CA LEU A 104 8.08 23.38 -9.44
C LEU A 104 7.63 22.76 -10.74
N GLU A 105 6.48 22.11 -10.76
CA GLU A 105 5.92 21.48 -11.93
C GLU A 105 6.00 22.27 -13.21
N ASN A 106 5.57 23.52 -13.12
CA ASN A 106 5.52 24.37 -14.30
C ASN A 106 6.80 25.10 -14.62
N ALA A 107 7.66 25.42 -13.63
CA ALA A 107 8.91 26.11 -13.95
C ALA A 107 9.77 25.05 -14.63
N CYS A 108 9.84 23.80 -14.11
CA CYS A 108 10.60 22.77 -14.76
C CYS A 108 9.92 22.36 -16.06
N ASP A 109 8.63 22.57 -16.35
CA ASP A 109 8.04 22.26 -17.65
C ASP A 109 8.46 23.29 -18.68
N GLU A 110 8.49 24.59 -18.31
CA GLU A 110 8.98 25.67 -19.15
C GLU A 110 10.45 25.48 -19.39
N ALA A 111 11.26 25.47 -18.33
CA ALA A 111 12.69 25.12 -18.37
C ALA A 111 13.06 24.01 -19.32
N THR A 112 12.34 22.90 -19.29
CA THR A 112 12.54 21.74 -20.15
C THR A 112 12.05 22.02 -21.55
N TYR A 113 11.00 22.83 -21.69
CA TYR A 113 10.49 23.20 -22.96
C TYR A 113 11.62 24.00 -23.61
N GLN A 114 12.12 25.08 -23.00
CA GLN A 114 13.18 25.93 -23.54
C GLN A 114 14.55 25.33 -23.28
N LEU A 115 14.74 24.16 -23.79
CA LEU A 115 15.93 23.32 -23.63
C LEU A 115 15.61 22.14 -24.56
N GLY A 116 14.37 22.14 -25.05
CA GLY A 116 13.93 21.35 -26.15
C GLY A 116 13.57 19.95 -25.78
N LEU A 117 13.26 19.62 -24.53
CA LEU A 117 12.91 18.26 -24.13
C LEU A 117 11.45 18.20 -23.69
N ASP A 118 10.86 17.02 -23.54
CA ASP A 118 9.52 17.01 -22.99
C ASP A 118 9.59 16.38 -21.62
N MET A 119 9.06 17.09 -20.64
CA MET A 119 9.02 16.58 -19.29
C MET A 119 8.36 15.26 -19.29
N GLU A 120 7.19 15.10 -19.91
CA GLU A 120 6.49 13.86 -19.74
C GLU A 120 7.27 12.66 -20.23
N GLU A 121 8.15 12.76 -21.27
CA GLU A 121 9.07 11.68 -21.76
C GLU A 121 10.06 11.27 -20.69
N LEU A 122 10.65 12.29 -20.06
CA LEU A 122 11.65 12.12 -19.00
C LEU A 122 11.00 11.54 -17.75
N GLU A 123 9.79 12.02 -17.37
CA GLU A 123 9.01 11.49 -16.24
C GLU A 123 8.67 10.04 -16.42
N GLU A 124 8.34 9.57 -17.60
CA GLU A 124 8.21 8.14 -17.87
C GLU A 124 9.50 7.29 -17.77
N ILE A 125 10.70 7.90 -17.76
CA ILE A 125 11.92 7.13 -17.67
C ILE A 125 12.15 6.59 -16.29
N GLU A 126 11.72 7.31 -15.28
CA GLU A 126 11.95 6.92 -13.92
C GLU A 126 11.30 5.58 -13.54
N GLU A 127 12.04 4.69 -12.88
CA GLU A 127 11.58 3.34 -12.52
C GLU A 127 10.69 3.55 -11.30
N ASP A 128 9.58 2.86 -11.12
CA ASP A 128 8.82 2.98 -9.88
C ASP A 128 9.57 2.31 -8.73
N ALA A 129 9.66 2.89 -7.55
CA ALA A 129 10.27 2.19 -6.44
C ALA A 129 9.19 1.21 -5.93
N GLY A 130 9.30 -0.07 -6.30
CA GLY A 130 8.28 -1.09 -6.05
C GLY A 130 8.49 -1.86 -4.78
N LEU A 131 8.86 -1.13 -3.75
CA LEU A 131 9.05 -1.67 -2.44
C LEU A 131 7.74 -2.05 -1.75
N GLY A 132 6.67 -2.49 -2.41
CA GLY A 132 5.46 -2.90 -1.73
C GLY A 132 4.74 -3.83 -2.66
N ASN A 133 3.75 -4.54 -2.12
CA ASN A 133 2.94 -5.49 -2.87
C ASN A 133 1.67 -4.87 -3.43
N GLY A 134 1.10 -4.01 -2.59
CA GLY A 134 -0.12 -3.36 -2.94
C GLY A 134 -0.54 -2.39 -1.90
N GLY A 135 -1.69 -2.68 -1.35
CA GLY A 135 -2.42 -1.73 -0.52
C GLY A 135 -1.90 -1.43 0.85
N LEU A 136 -1.32 -2.37 1.57
CA LEU A 136 -0.68 -2.09 2.85
C LEU A 136 0.54 -1.15 2.54
N GLY A 137 1.38 -1.49 1.55
CA GLY A 137 2.53 -0.70 1.21
C GLY A 137 2.22 0.66 0.66
N ARG A 138 1.22 0.84 -0.21
CA ARG A 138 0.72 2.14 -0.68
C ARG A 138 0.13 2.94 0.47
N LEU A 139 -0.58 2.35 1.44
CA LEU A 139 -1.14 3.04 2.59
C LEU A 139 0.01 3.74 3.31
N ALA A 140 1.09 3.01 3.62
CA ALA A 140 2.36 3.55 4.14
C ALA A 140 2.87 4.71 3.31
N ALA A 141 2.98 4.59 1.99
CA ALA A 141 3.45 5.68 1.14
C ALA A 141 2.55 6.89 1.14
N CYS A 142 1.23 6.75 1.32
CA CYS A 142 0.26 7.84 1.30
C CYS A 142 0.30 8.49 2.67
N PHE A 143 0.53 7.73 3.74
CA PHE A 143 0.66 8.24 5.09
C PHE A 143 1.84 9.13 5.21
N LEU A 144 2.94 8.77 4.57
CA LEU A 144 4.13 9.57 4.66
C LEU A 144 3.94 10.93 4.06
N ASP A 145 3.26 11.00 2.93
CA ASP A 145 2.91 12.27 2.31
C ASP A 145 2.07 13.05 3.30
N SER A 146 1.03 12.39 3.87
CA SER A 146 0.14 13.10 4.78
C SER A 146 0.79 13.58 6.06
N MET A 147 1.65 12.78 6.68
CA MET A 147 2.34 13.22 7.87
C MET A 147 3.24 14.44 7.61
N ALA A 148 3.86 14.60 6.44
CA ALA A 148 4.71 15.72 6.16
C ALA A 148 3.82 16.88 5.84
N THR A 149 2.74 16.69 5.05
CA THR A 149 1.78 17.78 4.77
C THR A 149 1.12 18.30 6.05
N LEU A 150 1.00 17.53 7.12
CA LEU A 150 0.46 18.01 8.37
C LEU A 150 1.51 18.39 9.40
N GLY A 151 2.75 18.66 8.99
CA GLY A 151 3.82 19.15 9.86
C GLY A 151 4.10 18.21 11.01
N LEU A 152 4.07 16.90 10.78
CA LEU A 152 4.32 15.99 11.89
C LEU A 152 5.76 15.52 11.95
N ALA A 153 6.43 15.38 13.12
CA ALA A 153 7.81 14.89 13.19
C ALA A 153 7.79 13.39 13.02
N ALA A 154 7.70 12.96 11.77
CA ALA A 154 7.44 11.57 11.43
C ALA A 154 8.49 10.97 10.53
N TYR A 155 8.78 9.70 10.80
CA TYR A 155 9.83 9.00 10.10
C TYR A 155 9.28 7.67 9.67
N GLY A 156 9.33 7.37 8.39
CA GLY A 156 8.91 6.08 7.92
C GLY A 156 10.12 5.17 7.94
N TYR A 157 10.05 3.95 8.47
CA TYR A 157 11.21 3.08 8.57
C TYR A 157 10.93 1.72 7.96
N GLY A 158 11.85 1.16 7.18
CA GLY A 158 11.62 -0.13 6.56
C GLY A 158 12.91 -0.74 6.05
N ILE A 159 12.84 -1.63 5.03
CA ILE A 159 14.00 -2.28 4.47
C ILE A 159 14.18 -1.72 3.08
N ARG A 160 15.45 -1.49 2.67
CA ARG A 160 15.76 -1.12 1.30
C ARG A 160 15.99 -2.39 0.49
N TYR A 161 14.97 -2.87 -0.21
CA TYR A 161 15.09 -4.11 -0.95
C TYR A 161 15.74 -3.80 -2.31
N GLU A 162 16.76 -4.60 -2.59
CA GLU A 162 17.47 -4.50 -3.84
C GLU A 162 16.52 -4.90 -4.93
N PHE A 163 15.75 -5.97 -4.69
CA PHE A 163 14.68 -6.34 -5.59
C PHE A 163 13.32 -6.12 -4.91
N GLY A 164 12.46 -5.29 -5.48
CA GLY A 164 11.12 -5.01 -4.94
C GLY A 164 10.16 -6.09 -5.42
N ILE A 165 8.95 -5.69 -5.77
CA ILE A 165 7.98 -6.70 -6.19
C ILE A 165 8.35 -7.05 -7.63
N PHE A 166 8.32 -8.32 -8.02
CA PHE A 166 8.68 -8.73 -9.36
C PHE A 166 7.94 -8.01 -10.47
N ASN A 167 8.50 -7.92 -11.67
CA ASN A 167 7.85 -7.35 -12.82
C ASN A 167 7.20 -8.53 -13.45
N GLN A 168 5.93 -8.37 -13.78
CA GLN A 168 5.12 -9.44 -14.29
C GLN A 168 5.07 -9.32 -15.80
N LYS A 169 5.20 -10.47 -16.46
CA LYS A 169 5.04 -10.54 -17.89
C LYS A 169 4.14 -11.68 -18.31
N ILE A 170 3.16 -11.43 -19.14
CA ILE A 170 2.22 -12.47 -19.52
C ILE A 170 2.81 -13.20 -20.73
N CYS A 171 3.18 -14.48 -20.70
CA CYS A 171 3.75 -15.20 -21.82
C CYS A 171 2.79 -16.35 -22.01
N GLY A 172 2.21 -16.42 -23.21
CA GLY A 172 1.23 -17.46 -23.54
C GLY A 172 0.01 -17.34 -22.63
N GLY A 173 -0.23 -16.07 -22.28
CA GLY A 173 -1.23 -15.71 -21.33
C GLY A 173 -0.85 -16.08 -19.91
N TRP A 174 0.31 -16.68 -19.60
CA TRP A 174 0.67 -17.00 -18.21
C TRP A 174 1.55 -15.94 -17.62
N GLN A 175 1.43 -15.62 -16.34
CA GLN A 175 2.36 -14.73 -15.67
C GLN A 175 3.72 -15.42 -15.60
N MET A 176 4.71 -14.65 -16.01
CA MET A 176 6.10 -14.99 -15.94
C MET A 176 6.61 -13.94 -14.97
N GLU A 177 7.21 -14.29 -13.84
CA GLU A 177 7.75 -13.23 -13.01
C GLU A 177 9.23 -13.02 -13.34
N GLU A 178 9.69 -11.78 -13.25
CA GLU A 178 11.07 -11.39 -13.49
C GLU A 178 11.61 -10.42 -12.42
N ALA A 179 12.90 -10.30 -12.11
CA ALA A 179 13.37 -9.44 -11.03
C ALA A 179 13.32 -7.94 -11.34
N ASP A 180 12.93 -7.18 -10.34
CA ASP A 180 12.79 -5.75 -10.40
C ASP A 180 14.15 -5.22 -10.03
N ASP A 181 15.05 -5.00 -10.97
CA ASP A 181 16.35 -4.54 -10.53
C ASP A 181 16.16 -3.06 -10.59
N TRP A 182 15.39 -2.42 -9.72
CA TRP A 182 15.13 -0.97 -9.80
C TRP A 182 16.31 -0.05 -9.55
N LEU A 183 17.32 -0.54 -8.86
CA LEU A 183 18.49 0.27 -8.65
C LEU A 183 19.54 0.17 -9.80
N ARG A 184 19.44 -0.64 -10.89
CA ARG A 184 20.37 -0.68 -12.02
C ARG A 184 21.02 0.63 -12.46
N TYR A 185 20.24 1.68 -12.58
CA TYR A 185 20.71 2.95 -13.07
C TYR A 185 20.93 3.94 -11.97
N GLY A 186 20.72 3.49 -10.75
CA GLY A 186 20.86 4.34 -9.59
C GLY A 186 19.55 4.93 -9.11
N ASN A 187 19.61 5.57 -7.96
CA ASN A 187 18.44 6.21 -7.42
C ASN A 187 18.90 7.63 -7.10
N PRO A 188 18.45 8.72 -7.72
CA PRO A 188 18.90 10.05 -7.33
C PRO A 188 18.29 10.56 -6.02
N TRP A 189 17.39 9.81 -5.39
CA TRP A 189 16.59 10.40 -4.34
C TRP A 189 17.18 9.97 -3.02
N GLU A 190 17.70 8.76 -2.82
CA GLU A 190 18.33 8.42 -1.55
C GLU A 190 19.68 9.08 -1.33
N LYS A 191 20.01 9.08 -0.05
CA LYS A 191 21.30 9.48 0.43
C LYS A 191 21.72 8.40 1.41
N ALA A 192 22.63 7.50 0.94
CA ALA A 192 23.36 6.46 1.73
C ALA A 192 23.99 7.14 2.91
N ARG A 193 23.96 6.55 4.09
CA ARG A 193 24.52 7.24 5.23
C ARG A 193 25.42 6.23 5.90
N PRO A 194 26.48 5.60 5.34
CA PRO A 194 27.19 4.45 5.94
C PRO A 194 27.85 4.81 7.26
N GLU A 195 28.04 6.07 7.57
CA GLU A 195 28.59 6.45 8.86
C GLU A 195 27.64 6.07 9.99
N PHE A 196 26.36 5.90 9.72
CA PHE A 196 25.38 5.53 10.71
C PHE A 196 25.04 4.04 10.72
N THR A 197 25.94 3.12 10.37
CA THR A 197 25.62 1.70 10.40
C THR A 197 25.51 1.15 11.82
N LEU A 198 24.75 0.08 12.02
CA LEU A 198 24.32 -0.30 13.35
C LEU A 198 24.40 -1.80 13.35
N PRO A 199 24.66 -2.49 14.42
CA PRO A 199 24.60 -3.93 14.45
C PRO A 199 23.26 -4.53 14.83
N VAL A 200 22.91 -5.68 14.32
CA VAL A 200 21.71 -6.38 14.64
C VAL A 200 22.23 -7.77 14.92
N HIS A 201 21.92 -8.28 16.09
CA HIS A 201 22.37 -9.61 16.51
C HIS A 201 21.42 -10.71 16.15
N PHE A 202 21.91 -11.88 15.75
CA PHE A 202 21.07 -13.03 15.46
C PHE A 202 21.58 -14.23 16.23
N TYR A 203 20.79 -15.31 16.48
CA TYR A 203 21.20 -16.58 17.13
C TYR A 203 21.73 -16.35 18.53
N GLY A 204 22.65 -17.14 19.08
CA GLY A 204 23.25 -16.82 20.37
C GLY A 204 22.71 -17.67 21.47
N ARG A 205 22.83 -17.22 22.70
CA ARG A 205 22.37 -17.98 23.84
C ARG A 205 22.01 -16.91 24.82
N VAL A 206 21.28 -17.25 25.89
CA VAL A 206 21.01 -16.32 26.97
C VAL A 206 21.80 -16.78 28.19
N GLU A 207 22.78 -16.05 28.74
CA GLU A 207 23.44 -16.40 30.00
C GLU A 207 22.56 -15.73 31.04
N HIS A 208 22.33 -16.37 32.18
CA HIS A 208 21.56 -15.75 33.27
C HIS A 208 22.49 -15.56 34.43
N THR A 209 23.02 -14.37 34.69
CA THR A 209 23.99 -14.26 35.76
C THR A 209 23.92 -12.91 36.44
N SER A 210 24.19 -13.05 37.74
CA SER A 210 24.37 -12.01 38.74
C SER A 210 23.35 -10.89 38.57
N GLN A 211 23.40 -10.07 37.53
CA GLN A 211 22.34 -9.14 37.34
C GLN A 211 21.88 -9.19 35.89
N GLY A 212 20.79 -9.95 35.76
CA GLY A 212 20.04 -10.06 34.52
C GLY A 212 20.40 -11.22 33.61
N ALA A 213 19.90 -11.05 32.38
CA ALA A 213 20.14 -11.98 31.29
C ALA A 213 21.06 -11.23 30.35
N LYS A 214 21.84 -12.00 29.56
CA LYS A 214 22.61 -11.45 28.44
C LYS A 214 22.48 -12.41 27.30
N TRP A 215 22.38 -11.80 26.15
CA TRP A 215 22.26 -12.52 24.91
C TRP A 215 23.72 -12.52 24.49
N VAL A 216 24.27 -13.70 24.36
CA VAL A 216 25.68 -13.86 24.13
C VAL A 216 25.82 -14.77 22.91
N ASP A 217 27.05 -14.83 22.36
CA ASP A 217 27.49 -15.50 21.13
C ASP A 217 26.54 -15.35 19.94
N THR A 218 26.27 -14.07 19.66
CA THR A 218 25.33 -13.81 18.59
C THR A 218 26.16 -13.60 17.33
N GLN A 219 25.48 -13.69 16.20
CA GLN A 219 26.06 -13.38 14.91
C GLN A 219 25.72 -11.90 14.68
N VAL A 220 26.45 -11.12 13.88
CA VAL A 220 26.20 -9.69 13.76
C VAL A 220 26.01 -9.35 12.29
N VAL A 221 24.83 -8.83 11.93
CA VAL A 221 24.67 -8.25 10.61
C VAL A 221 24.69 -6.73 10.87
N LEU A 222 25.14 -5.91 9.92
CA LEU A 222 25.16 -4.47 10.10
C LEU A 222 24.02 -3.89 9.25
N ALA A 223 23.49 -2.73 9.68
CA ALA A 223 22.34 -2.12 9.06
C ALA A 223 22.83 -0.79 8.61
N MET A 224 22.80 -0.64 7.31
CA MET A 224 23.34 0.50 6.58
C MET A 224 22.14 1.39 6.27
N PRO A 225 21.89 2.59 6.80
CA PRO A 225 20.70 3.36 6.45
C PRO A 225 20.81 4.18 5.18
N TYR A 226 19.71 4.27 4.44
CA TYR A 226 19.55 5.16 3.29
C TYR A 226 18.31 5.98 3.52
N ASP A 227 18.41 7.29 3.55
CA ASP A 227 17.32 8.22 3.75
C ASP A 227 16.77 8.78 2.44
N THR A 228 15.45 8.88 2.33
CA THR A 228 14.79 9.50 1.19
C THR A 228 14.06 10.68 1.79
N PRO A 229 14.07 11.87 1.20
CA PRO A 229 13.26 12.99 1.69
C PRO A 229 11.79 12.76 1.41
N VAL A 230 10.88 13.23 2.24
CA VAL A 230 9.44 13.11 1.99
C VAL A 230 8.88 14.53 2.19
N PRO A 231 8.73 15.27 1.07
CA PRO A 231 8.36 16.66 1.08
C PRO A 231 6.87 16.85 1.38
N GLY A 232 6.48 17.80 2.20
CA GLY A 232 5.07 18.09 2.38
C GLY A 232 4.52 18.91 1.21
N TYR A 233 3.19 19.02 1.11
CA TYR A 233 2.58 19.83 0.08
C TYR A 233 2.63 21.30 0.50
N ARG A 234 3.42 21.98 -0.32
CA ARG A 234 3.80 23.38 -0.22
C ARG A 234 3.95 24.03 1.16
N ASN A 235 4.62 23.33 2.08
CA ASN A 235 4.82 23.85 3.43
C ASN A 235 6.25 23.75 3.97
N ASN A 236 7.21 23.47 3.08
CA ASN A 236 8.64 23.42 3.38
C ASN A 236 9.09 22.46 4.45
N VAL A 237 8.24 21.48 4.76
CA VAL A 237 8.64 20.38 5.64
C VAL A 237 9.07 19.26 4.67
N VAL A 238 10.16 18.59 5.05
CA VAL A 238 10.72 17.53 4.26
C VAL A 238 11.20 16.62 5.36
N ASN A 239 10.37 15.59 5.54
CA ASN A 239 10.57 14.59 6.58
C ASN A 239 11.42 13.49 5.99
N THR A 240 11.55 12.33 6.63
CA THR A 240 12.55 11.35 6.16
C THR A 240 12.08 9.91 6.02
N MET A 241 12.45 9.15 4.98
CA MET A 241 12.16 7.74 4.95
C MET A 241 13.52 7.08 5.15
N ARG A 242 13.77 6.37 6.24
CA ARG A 242 15.07 5.76 6.48
C ARG A 242 14.85 4.28 6.23
N LEU A 243 15.61 3.70 5.30
CA LEU A 243 15.43 2.33 4.89
C LEU A 243 16.72 1.58 5.07
N TRP A 244 16.75 0.52 5.86
CA TRP A 244 17.98 -0.17 6.15
C TRP A 244 18.35 -1.22 5.10
N SER A 245 19.67 -1.32 4.81
CA SER A 245 20.32 -2.30 3.95
C SER A 245 21.24 -3.21 4.81
N ALA A 246 21.49 -4.50 4.51
CA ALA A 246 22.30 -5.36 5.40
C ALA A 246 23.69 -5.44 4.79
N LYS A 247 24.66 -5.43 5.66
CA LYS A 247 26.03 -5.48 5.26
C LYS A 247 26.70 -6.45 6.24
N ALA A 248 27.54 -7.37 5.78
CA ALA A 248 28.29 -8.31 6.59
C ALA A 248 29.37 -7.56 7.34
N PRO A 249 29.77 -7.85 8.57
CA PRO A 249 30.91 -7.21 9.21
C PRO A 249 32.23 -7.68 8.60
N ASN A 250 33.39 -7.20 9.06
CA ASN A 250 34.65 -7.63 8.44
C ASN A 250 35.49 -8.60 9.20
N ASP A 251 35.26 -8.56 10.50
CA ASP A 251 36.04 -9.37 11.35
C ASP A 251 35.35 -10.69 11.39
N PHE A 252 34.14 -10.94 11.88
CA PHE A 252 33.62 -12.29 12.00
C PHE A 252 33.30 -12.88 10.65
N ASN A 253 32.90 -11.97 9.74
CA ASN A 253 32.60 -12.32 8.36
C ASN A 253 33.87 -12.12 7.52
N LEU A 254 34.76 -13.03 7.96
CA LEU A 254 36.13 -13.28 7.61
C LEU A 254 36.65 -14.01 8.86
N LYS A 255 37.33 -13.37 9.82
CA LYS A 255 37.90 -14.07 10.96
C LYS A 255 37.10 -14.76 12.09
N ASP A 256 37.10 -16.02 11.70
CA ASP A 256 36.96 -17.18 12.53
C ASP A 256 37.63 -18.12 11.53
N PHE A 257 38.67 -18.72 12.11
CA PHE A 257 39.79 -19.28 11.36
C PHE A 257 39.94 -20.83 11.38
N ASN A 258 41.17 -21.36 11.49
CA ASN A 258 41.48 -22.79 11.51
C ASN A 258 40.75 -23.55 10.40
N VAL A 259 41.26 -23.11 9.25
CA VAL A 259 40.92 -23.48 7.87
C VAL A 259 39.49 -23.66 7.34
N GLY A 260 39.25 -22.85 6.28
CA GLY A 260 38.01 -22.79 5.50
C GLY A 260 37.94 -21.77 4.33
N GLY A 261 39.01 -21.50 3.53
CA GLY A 261 38.99 -20.63 2.35
C GLY A 261 38.80 -19.12 2.59
N TYR A 262 39.84 -18.29 2.30
CA TYR A 262 39.81 -16.81 2.36
C TYR A 262 38.82 -16.27 1.33
N ILE A 263 38.83 -16.84 0.12
CA ILE A 263 37.90 -16.43 -0.91
C ILE A 263 36.57 -16.89 -0.37
N GLN A 264 36.37 -18.14 0.07
CA GLN A 264 35.07 -18.52 0.60
C GLN A 264 34.57 -17.60 1.66
N ALA A 265 35.30 -17.22 2.69
CA ALA A 265 34.84 -16.24 3.68
C ALA A 265 34.41 -14.90 3.12
N VAL A 266 34.92 -14.51 1.94
CA VAL A 266 34.54 -13.24 1.38
C VAL A 266 33.28 -13.43 0.54
N LEU A 267 33.23 -14.50 -0.24
CA LEU A 267 32.04 -14.75 -1.04
C LEU A 267 30.92 -15.08 -0.07
N ASP A 268 31.11 -15.61 1.13
CA ASP A 268 30.02 -15.92 2.04
C ASP A 268 29.41 -14.70 2.71
N ARG A 269 29.99 -13.53 2.51
CA ARG A 269 29.45 -12.31 3.07
C ARG A 269 28.09 -12.07 2.44
N ASN A 270 27.85 -12.39 1.18
CA ASN A 270 26.57 -12.12 0.60
C ASN A 270 25.80 -13.40 0.84
N LEU A 271 25.33 -13.29 2.05
CA LEU A 271 24.57 -14.29 2.75
C LEU A 271 24.09 -13.45 3.93
N ALA A 272 24.88 -12.59 4.59
CA ALA A 272 24.35 -11.69 5.59
C ALA A 272 23.62 -10.58 4.83
N GLU A 273 24.07 -10.21 3.63
CA GLU A 273 23.52 -9.11 2.89
C GLU A 273 22.27 -9.51 2.13
N ASN A 274 21.88 -10.81 2.16
CA ASN A 274 20.65 -11.35 1.57
C ASN A 274 19.40 -10.93 2.36
N ILE A 275 19.58 -10.53 3.61
CA ILE A 275 18.50 -10.04 4.47
C ILE A 275 17.77 -8.90 3.79
N SER A 276 18.36 -8.02 2.98
CA SER A 276 17.62 -7.00 2.27
C SER A 276 17.63 -7.26 0.77
N ARG A 277 17.78 -8.48 0.28
CA ARG A 277 17.91 -8.62 -1.15
C ARG A 277 16.56 -8.50 -1.82
N VAL A 278 15.50 -9.10 -1.23
CA VAL A 278 14.22 -9.21 -1.92
C VAL A 278 13.00 -9.07 -1.04
N LEU A 279 11.99 -8.36 -1.51
CA LEU A 279 10.71 -8.25 -0.81
C LEU A 279 9.98 -9.58 -0.93
N TYR A 280 9.36 -10.09 0.14
CA TYR A 280 8.47 -11.25 0.00
C TYR A 280 7.16 -10.93 -0.73
N PRO A 281 6.84 -11.60 -1.87
CA PRO A 281 5.83 -11.21 -2.89
C PRO A 281 4.42 -11.75 -2.67
N ASN A 282 4.21 -12.10 -1.43
CA ASN A 282 3.05 -12.81 -0.98
C ASN A 282 1.87 -11.87 -0.65
N ASP A 283 0.72 -11.97 -1.33
CA ASP A 283 -0.43 -11.12 -1.01
C ASP A 283 -1.17 -12.02 -0.01
N ASN A 284 -1.78 -11.38 1.02
CA ASN A 284 -2.62 -12.00 2.07
C ASN A 284 -2.64 -13.52 2.11
N PHE A 285 -1.48 -13.97 2.61
CA PHE A 285 -1.04 -15.35 2.87
C PHE A 285 0.03 -15.20 3.93
N PHE A 286 0.45 -16.31 4.54
CA PHE A 286 1.61 -16.35 5.45
C PHE A 286 2.59 -17.54 5.26
N GLU A 287 3.81 -17.09 4.95
CA GLU A 287 5.06 -17.84 4.78
C GLU A 287 5.98 -17.76 6.02
N GLY A 288 6.11 -18.89 6.73
CA GLY A 288 6.94 -19.02 7.92
C GLY A 288 8.39 -19.37 7.59
N LYS A 289 9.04 -18.52 6.81
CA LYS A 289 10.40 -18.71 6.35
C LYS A 289 11.37 -17.86 7.17
N GLU A 290 12.54 -18.43 7.51
CA GLU A 290 13.59 -17.82 8.32
C GLU A 290 14.06 -16.50 7.77
N LEU A 291 14.27 -16.41 6.48
CA LEU A 291 14.64 -15.16 5.85
C LEU A 291 13.61 -14.07 6.11
N ARG A 292 12.32 -14.37 6.32
CA ARG A 292 11.29 -13.34 6.54
C ARG A 292 11.40 -12.86 7.95
N LEU A 293 11.56 -13.74 8.95
CA LEU A 293 11.62 -13.34 10.34
C LEU A 293 12.88 -12.53 10.55
N LYS A 294 13.93 -12.84 9.82
CA LYS A 294 15.18 -12.11 9.84
C LYS A 294 14.98 -10.71 9.35
N GLN A 295 14.31 -10.56 8.22
CA GLN A 295 13.96 -9.24 7.73
C GLN A 295 13.10 -8.51 8.75
N GLU A 296 12.16 -9.20 9.42
CA GLU A 296 11.34 -8.57 10.45
C GLU A 296 12.14 -8.19 11.67
N TYR A 297 13.03 -9.02 12.23
CA TYR A 297 13.87 -8.56 13.32
C TYR A 297 14.82 -7.43 12.91
N PHE A 298 15.47 -7.54 11.79
CA PHE A 298 16.40 -6.54 11.30
C PHE A 298 15.91 -5.12 11.28
N VAL A 299 14.77 -4.79 10.67
CA VAL A 299 14.25 -3.44 10.65
C VAL A 299 13.78 -3.02 12.05
N VAL A 300 13.25 -3.92 12.89
CA VAL A 300 12.93 -3.63 14.29
C VAL A 300 14.22 -3.28 15.03
N ALA A 301 15.21 -4.17 15.18
CA ALA A 301 16.45 -3.87 15.89
C ALA A 301 17.12 -2.57 15.50
N ALA A 302 17.41 -2.38 14.22
CA ALA A 302 18.12 -1.20 13.84
C ALA A 302 17.25 0.00 14.14
N THR A 303 15.95 0.03 13.81
CA THR A 303 15.13 1.21 14.08
C THR A 303 15.08 1.56 15.53
N LEU A 304 14.96 0.57 16.45
CA LEU A 304 14.80 0.93 17.85
C LEU A 304 16.04 1.55 18.44
N GLN A 305 17.19 1.30 17.82
CA GLN A 305 18.41 1.95 18.22
C GLN A 305 18.43 3.43 17.83
N ASP A 306 17.81 3.80 16.69
CA ASP A 306 17.75 5.18 16.18
C ASP A 306 16.73 5.99 16.92
N ILE A 307 15.75 5.26 17.44
CA ILE A 307 14.70 5.84 18.27
C ILE A 307 15.32 6.28 19.59
N ILE A 308 15.97 5.32 20.28
CA ILE A 308 16.56 5.55 21.58
C ILE A 308 17.66 6.59 21.51
N ARG A 309 18.54 6.51 20.51
CA ARG A 309 19.56 7.51 20.24
C ARG A 309 18.92 8.88 20.26
N ARG A 310 17.98 9.17 19.37
CA ARG A 310 17.29 10.44 19.38
C ARG A 310 16.56 10.71 20.69
N PHE A 311 15.90 9.76 21.40
CA PHE A 311 15.33 10.07 22.71
C PHE A 311 16.44 10.42 23.70
N LYS A 312 17.64 9.85 23.61
CA LYS A 312 18.69 10.18 24.56
C LYS A 312 19.31 11.53 24.24
N SER A 313 19.06 12.19 23.11
CA SER A 313 19.47 13.57 22.99
C SER A 313 18.23 14.36 23.46
N SER A 314 17.12 14.37 22.69
CA SER A 314 15.88 15.11 22.97
C SER A 314 16.30 16.49 23.47
N LYS A 315 16.28 16.66 24.79
CA LYS A 315 16.93 17.72 25.50
C LYS A 315 17.31 17.11 26.85
N PHE A 316 17.05 15.82 27.13
CA PHE A 316 17.44 15.17 28.39
C PHE A 316 18.95 14.97 28.50
N GLY A 317 19.55 14.82 27.31
CA GLY A 317 20.99 14.84 27.14
C GLY A 317 21.23 16.33 27.09
N CYS A 318 21.17 16.82 28.33
CA CYS A 318 21.24 18.19 28.80
C CYS A 318 20.49 18.05 30.14
N ARG A 319 19.14 17.98 30.22
CA ARG A 319 18.36 17.87 31.46
C ARG A 319 16.86 17.57 31.25
N ASP A 320 15.96 18.57 31.48
CA ASP A 320 14.50 18.57 31.39
C ASP A 320 14.16 17.97 32.73
N PRO A 321 14.33 16.70 33.16
CA PRO A 321 14.78 16.43 34.53
C PRO A 321 16.29 16.09 34.64
N VAL A 322 16.55 14.75 34.80
CA VAL A 322 17.76 13.93 34.62
C VAL A 322 17.99 13.03 35.83
N ARG A 323 18.51 11.86 35.40
CA ARG A 323 18.83 10.63 36.11
C ARG A 323 17.85 9.74 35.33
N THR A 324 18.33 9.35 34.14
CA THR A 324 17.59 8.73 33.03
C THR A 324 16.23 8.04 33.24
N ASN A 325 15.32 9.02 33.16
CA ASN A 325 13.92 8.78 33.32
C ASN A 325 13.38 8.40 31.95
N PHE A 326 13.31 7.09 31.63
CA PHE A 326 12.62 6.62 30.42
C PHE A 326 11.11 6.80 30.54
N ASP A 327 10.62 7.36 31.65
CA ASP A 327 9.25 7.73 31.92
C ASP A 327 8.67 8.57 30.82
N ALA A 328 9.46 9.56 30.43
CA ALA A 328 9.07 10.45 29.38
C ALA A 328 9.16 9.79 28.01
N PHE A 329 9.62 8.53 27.87
CA PHE A 329 9.77 7.93 26.57
C PHE A 329 8.45 8.00 25.81
N PRO A 330 7.28 7.55 26.28
CA PRO A 330 6.04 7.78 25.56
C PRO A 330 5.65 9.22 25.27
N ASP A 331 6.23 10.22 25.90
CA ASP A 331 5.83 11.57 25.57
C ASP A 331 6.77 12.19 24.57
N LYS A 332 7.65 11.34 24.10
CA LYS A 332 8.61 11.77 23.12
C LYS A 332 8.56 10.81 21.98
N VAL A 333 8.00 9.59 22.11
CA VAL A 333 8.01 8.65 20.98
C VAL A 333 6.70 7.90 20.82
N ALA A 334 6.26 7.73 19.58
CA ALA A 334 5.09 6.94 19.29
C ALA A 334 5.62 6.11 18.14
N ILE A 335 5.47 4.80 18.25
CA ILE A 335 5.85 3.88 17.17
C ILE A 335 4.59 3.12 16.71
N GLN A 336 4.25 3.33 15.45
CA GLN A 336 3.11 2.70 14.80
C GLN A 336 3.45 1.40 14.06
N LEU A 337 2.96 0.25 14.43
CA LEU A 337 3.22 -0.99 13.75
C LEU A 337 2.22 -1.21 12.64
N ASN A 338 2.68 -1.18 11.39
CA ASN A 338 1.83 -1.45 10.24
C ASN A 338 1.81 -2.96 10.03
N ASP A 339 0.68 -3.55 10.47
CA ASP A 339 0.33 -4.96 10.42
C ASP A 339 1.22 -5.67 11.40
N THR A 340 1.26 -6.99 11.57
CA THR A 340 2.13 -7.57 12.57
C THR A 340 3.58 -7.76 12.17
N HIS A 341 3.97 -7.31 10.98
CA HIS A 341 5.33 -7.51 10.47
C HIS A 341 6.37 -6.87 11.35
N PRO A 342 6.23 -5.72 12.04
CA PRO A 342 7.13 -5.31 13.10
C PRO A 342 6.75 -5.54 14.54
N SER A 343 5.98 -6.60 14.83
CA SER A 343 5.53 -6.90 16.17
C SER A 343 6.67 -7.25 17.09
N LEU A 344 7.86 -7.56 16.58
CA LEU A 344 9.02 -7.79 17.45
C LEU A 344 9.49 -6.46 18.00
N ALA A 345 9.05 -5.28 17.53
CA ALA A 345 9.28 -3.99 18.19
C ALA A 345 8.93 -4.06 19.68
N ILE A 346 7.84 -4.79 20.02
CA ILE A 346 7.41 -5.02 21.40
C ILE A 346 8.38 -5.88 22.22
N PRO A 347 8.71 -7.20 22.09
CA PRO A 347 9.79 -7.83 22.86
C PRO A 347 11.17 -7.13 22.79
N GLU A 348 11.53 -6.49 21.68
CA GLU A 348 12.79 -5.80 21.54
C GLU A 348 12.84 -4.53 22.39
N LEU A 349 11.76 -3.76 22.46
CA LEU A 349 11.75 -2.59 23.33
C LEU A 349 11.84 -3.11 24.76
N MET A 350 11.26 -4.25 25.12
CA MET A 350 11.43 -4.76 26.46
C MET A 350 12.88 -5.20 26.75
N ARG A 351 13.58 -5.76 25.74
CA ARG A 351 14.94 -6.30 25.84
C ARG A 351 15.93 -5.18 26.12
N VAL A 352 15.89 -4.14 25.30
CA VAL A 352 16.83 -3.05 25.50
C VAL A 352 16.50 -2.39 26.85
N LEU A 353 15.22 -2.16 27.18
CA LEU A 353 14.88 -1.52 28.44
C LEU A 353 15.17 -2.32 29.69
N VAL A 354 14.97 -3.63 29.66
CA VAL A 354 15.20 -4.44 30.84
C VAL A 354 16.65 -4.90 30.84
N ASP A 355 17.09 -5.57 29.80
CA ASP A 355 18.42 -6.14 29.74
C ASP A 355 19.50 -5.12 29.67
N LEU A 356 19.41 -4.22 28.71
CA LEU A 356 20.49 -3.28 28.57
C LEU A 356 20.35 -2.08 29.47
N GLU A 357 19.12 -1.59 29.61
CA GLU A 357 18.88 -0.32 30.28
C GLU A 357 18.47 -0.46 31.73
N ARG A 358 18.16 -1.70 32.13
CA ARG A 358 18.01 -2.04 33.54
C ARG A 358 16.79 -1.49 34.25
N LEU A 359 15.69 -1.22 33.55
CA LEU A 359 14.46 -0.81 34.21
C LEU A 359 13.83 -2.09 34.71
N ASP A 360 12.88 -1.97 35.64
CA ASP A 360 12.16 -3.14 36.11
C ASP A 360 11.13 -3.51 35.04
N TRP A 361 10.72 -4.79 35.01
CA TRP A 361 9.86 -5.36 33.99
C TRP A 361 8.61 -4.53 33.87
N ASP A 362 7.98 -4.31 34.99
CA ASP A 362 6.73 -3.59 35.05
C ASP A 362 6.91 -2.13 34.67
N LYS A 363 7.99 -1.36 34.91
CA LYS A 363 8.09 -0.01 34.34
C LYS A 363 8.24 -0.09 32.83
N ALA A 364 9.08 -1.00 32.39
CA ALA A 364 9.34 -1.09 30.97
C ALA A 364 8.09 -1.61 30.28
N TRP A 365 7.13 -2.27 30.94
CA TRP A 365 5.93 -2.68 30.24
C TRP A 365 4.97 -1.52 30.02
N GLU A 366 4.83 -0.65 31.04
CA GLU A 366 4.02 0.54 30.95
C GLU A 366 4.62 1.41 29.87
N VAL A 367 5.93 1.52 29.79
CA VAL A 367 6.52 2.37 28.76
C VAL A 367 6.31 1.69 27.39
N THR A 368 6.51 0.38 27.19
CA THR A 368 6.21 -0.26 25.91
C THR A 368 4.74 -0.07 25.51
N VAL A 369 3.73 -0.44 26.30
CA VAL A 369 2.35 -0.32 25.80
C VAL A 369 1.97 1.14 25.51
N LYS A 370 2.39 2.09 26.34
CA LYS A 370 2.12 3.45 26.00
C LYS A 370 2.88 3.93 24.77
N THR A 371 4.01 3.38 24.25
CA THR A 371 4.56 3.97 23.03
C THR A 371 4.10 3.17 21.84
N CYS A 372 3.72 1.91 21.96
CA CYS A 372 3.34 1.14 20.77
C CYS A 372 1.88 1.15 20.44
N ALA A 373 1.55 1.06 19.17
CA ALA A 373 0.19 0.94 18.71
C ALA A 373 0.22 0.06 17.47
N TYR A 374 -0.84 -0.70 17.16
CA TYR A 374 -0.91 -1.65 16.04
C TYR A 374 -2.10 -1.48 15.11
N THR A 375 -1.88 -1.50 13.80
CA THR A 375 -2.94 -1.41 12.81
C THR A 375 -3.19 -2.78 12.21
N ASN A 376 -4.36 -3.36 12.48
CA ASN A 376 -4.74 -4.63 11.87
C ASN A 376 -5.24 -4.41 10.44
N HIS A 377 -4.82 -5.29 9.55
CA HIS A 377 -5.12 -5.15 8.16
C HIS A 377 -5.95 -6.23 7.56
N THR A 378 -6.25 -7.33 8.23
CA THR A 378 -7.05 -8.35 7.62
C THR A 378 -7.62 -9.27 8.67
N VAL A 379 -8.71 -9.93 8.26
CA VAL A 379 -9.32 -10.94 9.11
C VAL A 379 -9.15 -12.30 8.45
N ILE A 380 -8.63 -12.41 7.23
CA ILE A 380 -8.57 -13.71 6.56
C ILE A 380 -7.45 -14.56 7.25
N PRO A 381 -7.76 -15.72 7.86
CA PRO A 381 -6.95 -16.37 8.89
C PRO A 381 -5.60 -16.95 8.45
N GLU A 382 -5.42 -17.17 7.15
CA GLU A 382 -4.17 -17.62 6.56
C GLU A 382 -3.14 -16.48 6.42
N ALA A 383 -3.62 -15.24 6.62
CA ALA A 383 -2.77 -14.08 6.60
C ALA A 383 -2.04 -13.90 7.94
N LEU A 384 -2.68 -14.30 9.04
CA LEU A 384 -2.15 -14.20 10.40
C LEU A 384 -0.77 -14.84 10.55
N GLU A 385 0.18 -14.11 11.12
CA GLU A 385 1.52 -14.63 11.31
C GLU A 385 1.51 -15.33 12.61
N ARG A 386 1.82 -16.60 12.53
CA ARG A 386 1.92 -17.38 13.70
C ARG A 386 3.21 -18.14 13.50
N TRP A 387 4.26 -17.51 14.04
CA TRP A 387 5.61 -18.01 13.89
C TRP A 387 5.94 -19.19 14.80
N PRO A 388 6.36 -20.36 14.30
CA PRO A 388 6.70 -21.49 15.14
C PRO A 388 7.75 -21.16 16.18
N VAL A 389 7.55 -21.63 17.42
CA VAL A 389 8.44 -21.44 18.58
C VAL A 389 9.85 -21.89 18.33
N HIS A 390 10.12 -23.02 17.67
CA HIS A 390 11.49 -23.46 17.38
C HIS A 390 12.26 -22.50 16.52
N LEU A 391 11.60 -21.67 15.73
CA LEU A 391 12.29 -20.74 14.90
C LEU A 391 12.85 -19.63 15.76
N LEU A 392 11.98 -19.10 16.61
CA LEU A 392 12.36 -18.02 17.48
C LEU A 392 13.39 -18.46 18.48
N GLU A 393 13.45 -19.72 18.92
CA GLU A 393 14.43 -20.08 19.93
C GLU A 393 15.78 -20.22 19.30
N THR A 394 15.88 -20.64 18.06
CA THR A 394 17.13 -20.64 17.34
C THR A 394 17.56 -19.21 17.17
N LEU A 395 16.77 -18.41 16.46
CA LEU A 395 17.18 -17.12 15.96
C LEU A 395 17.21 -15.95 16.90
N LEU A 396 16.35 -15.97 17.91
CA LEU A 396 16.13 -14.87 18.78
C LEU A 396 15.85 -15.43 20.13
N PRO A 397 16.66 -16.31 20.76
CA PRO A 397 16.28 -17.01 21.98
C PRO A 397 15.86 -16.14 23.16
N ARG A 398 16.38 -14.91 23.29
CA ARG A 398 16.00 -14.02 24.41
C ARG A 398 14.59 -13.45 24.21
N HIS A 399 14.28 -13.04 22.98
CA HIS A 399 12.97 -12.50 22.63
C HIS A 399 11.85 -13.50 22.90
N LEU A 400 12.05 -14.79 22.57
CA LEU A 400 11.09 -15.86 22.85
C LEU A 400 10.73 -15.87 24.34
N GLN A 401 11.77 -15.74 25.16
CA GLN A 401 11.75 -15.68 26.61
C GLN A 401 10.94 -14.49 27.07
N ILE A 402 11.17 -13.35 26.46
CA ILE A 402 10.43 -12.16 26.81
C ILE A 402 8.99 -12.41 26.41
N ILE A 403 8.67 -13.02 25.27
CA ILE A 403 7.30 -13.30 24.88
C ILE A 403 6.62 -14.26 25.86
N TYR A 404 7.26 -15.30 26.39
CA TYR A 404 6.67 -16.21 27.34
C TYR A 404 6.33 -15.46 28.63
N GLU A 405 7.19 -14.58 29.13
CA GLU A 405 6.94 -13.85 30.33
C GLU A 405 5.82 -12.86 30.14
N ILE A 406 5.72 -12.19 28.97
CA ILE A 406 4.62 -11.31 28.61
C ILE A 406 3.32 -12.12 28.68
N ASN A 407 3.29 -13.26 27.99
CA ASN A 407 2.13 -14.15 27.93
C ASN A 407 1.72 -14.58 29.33
N GLN A 408 2.62 -15.11 30.15
CA GLN A 408 2.38 -15.49 31.55
C GLN A 408 1.63 -14.41 32.33
N ARG A 409 2.18 -13.22 32.25
CA ARG A 409 1.63 -12.09 32.94
C ARG A 409 0.29 -11.63 32.40
N PHE A 410 0.10 -11.89 31.11
CA PHE A 410 -1.10 -11.45 30.44
C PHE A 410 -2.32 -12.29 30.81
N LEU A 411 -2.10 -13.61 30.75
CA LEU A 411 -3.10 -14.60 31.05
C LEU A 411 -3.41 -14.56 32.52
N ASN A 412 -2.47 -14.09 33.35
CA ASN A 412 -2.81 -13.88 34.74
C ASN A 412 -3.80 -12.76 34.91
N ARG A 413 -3.88 -11.81 33.97
CA ARG A 413 -4.88 -10.73 33.99
C ARG A 413 -6.26 -11.24 33.59
N VAL A 414 -6.25 -12.03 32.54
CA VAL A 414 -7.41 -12.65 31.93
C VAL A 414 -8.09 -13.61 32.91
N ALA A 415 -7.32 -14.52 33.49
CA ALA A 415 -7.84 -15.43 34.48
C ALA A 415 -8.27 -14.63 35.66
N ALA A 416 -7.68 -13.51 36.04
CA ALA A 416 -8.18 -12.80 37.19
C ALA A 416 -9.55 -12.22 36.84
N ALA A 417 -9.69 -11.72 35.61
CA ALA A 417 -10.88 -11.02 35.20
C ALA A 417 -11.99 -11.93 34.72
N PHE A 418 -11.71 -13.17 34.40
CA PHE A 418 -12.78 -14.05 33.99
C PHE A 418 -12.44 -15.33 34.73
N PRO A 419 -12.49 -15.39 36.07
CA PRO A 419 -11.99 -16.49 36.87
C PRO A 419 -12.75 -17.77 36.63
N GLY A 420 -11.96 -18.79 36.35
CA GLY A 420 -12.48 -20.08 36.01
C GLY A 420 -12.58 -20.25 34.51
N ASP A 421 -12.65 -19.21 33.63
CA ASP A 421 -12.92 -19.39 32.19
C ASP A 421 -11.68 -19.92 31.46
N VAL A 422 -11.50 -21.22 31.65
CA VAL A 422 -10.36 -21.90 31.15
C VAL A 422 -10.32 -22.00 29.62
N ASP A 423 -11.39 -21.85 28.81
CA ASP A 423 -11.16 -21.93 27.36
C ASP A 423 -10.77 -20.57 26.78
N ARG A 424 -11.20 -19.49 27.45
CA ARG A 424 -10.78 -18.14 27.13
C ARG A 424 -9.26 -18.07 27.20
N LEU A 425 -8.69 -18.59 28.29
CA LEU A 425 -7.24 -18.68 28.49
C LEU A 425 -6.58 -19.39 27.32
N ARG A 426 -7.01 -20.52 26.75
CA ARG A 426 -6.29 -21.06 25.62
C ARG A 426 -6.55 -20.22 24.39
N ARG A 427 -7.64 -19.46 24.33
CA ARG A 427 -7.90 -18.63 23.16
C ARG A 427 -7.09 -17.34 23.12
N MET A 428 -6.98 -16.62 24.21
CA MET A 428 -6.25 -15.38 24.27
C MET A 428 -4.72 -15.51 24.29
N SER A 429 -4.17 -16.69 24.61
CA SER A 429 -2.73 -16.92 24.72
C SER A 429 -1.98 -16.46 23.47
N LEU A 430 -0.81 -15.87 23.61
CA LEU A 430 -0.03 -15.55 22.43
C LEU A 430 0.71 -16.82 22.02
N VAL A 431 0.68 -17.96 22.79
CA VAL A 431 1.31 -19.23 22.40
C VAL A 431 0.21 -20.20 21.96
N GLU A 432 0.23 -20.52 20.68
CA GLU A 432 -0.71 -21.42 20.07
C GLU A 432 -0.19 -22.85 20.19
N GLU A 433 -0.70 -23.59 21.16
CA GLU A 433 -0.36 -24.97 21.42
C GLU A 433 -0.71 -25.89 20.27
N GLY A 434 -0.18 -27.10 20.20
CA GLY A 434 -0.53 -27.97 19.09
C GLY A 434 0.71 -28.71 18.67
N ALA A 435 0.61 -29.38 17.52
CA ALA A 435 1.74 -30.13 17.00
C ALA A 435 2.99 -29.21 16.83
N VAL A 436 2.82 -28.09 16.12
CA VAL A 436 3.87 -27.11 15.95
C VAL A 436 3.32 -26.10 16.91
N LYS A 437 4.01 -25.88 18.00
CA LYS A 437 3.65 -24.82 18.91
C LYS A 437 4.00 -23.53 18.15
N ARG A 438 3.20 -22.46 18.19
CA ARG A 438 3.46 -21.25 17.42
C ARG A 438 3.28 -20.02 18.25
N ILE A 439 3.66 -18.83 17.78
CA ILE A 439 3.40 -17.61 18.50
C ILE A 439 2.45 -16.80 17.64
N ASN A 440 1.35 -16.35 18.23
CA ASN A 440 0.40 -15.54 17.50
C ASN A 440 0.75 -14.07 17.69
N MET A 441 1.26 -13.57 16.56
CA MET A 441 1.78 -12.23 16.55
C MET A 441 0.71 -11.15 16.68
N ALA A 442 -0.47 -11.27 16.05
CA ALA A 442 -1.59 -10.36 16.28
C ALA A 442 -1.94 -10.27 17.74
N HIS A 443 -1.80 -11.38 18.46
CA HIS A 443 -2.03 -11.41 19.90
C HIS A 443 -0.97 -10.63 20.68
N LEU A 444 0.30 -10.76 20.26
CA LEU A 444 1.43 -9.98 20.83
C LEU A 444 1.16 -8.48 20.78
N CYS A 445 0.78 -8.09 19.55
CA CYS A 445 0.45 -6.73 19.25
C CYS A 445 -0.69 -6.14 20.08
N ILE A 446 -1.80 -6.84 20.29
CA ILE A 446 -2.88 -6.36 21.14
C ILE A 446 -2.33 -6.40 22.57
N ALA A 447 -1.50 -7.35 23.07
CA ALA A 447 -1.09 -7.28 24.48
C ALA A 447 -0.19 -6.11 24.85
N GLY A 448 0.66 -5.77 23.89
CA GLY A 448 1.64 -4.72 24.09
C GLY A 448 1.39 -3.43 23.34
N SER A 449 0.26 -3.17 22.66
CA SER A 449 -0.04 -1.84 22.14
C SER A 449 -1.10 -1.16 23.00
N HIS A 450 -1.26 0.16 22.94
CA HIS A 450 -2.28 0.86 23.72
C HIS A 450 -3.46 1.25 22.83
N ALA A 451 -3.41 1.01 21.51
CA ALA A 451 -4.49 1.37 20.60
C ALA A 451 -4.38 0.32 19.53
N VAL A 452 -5.43 -0.37 19.15
CA VAL A 452 -5.39 -1.36 18.08
C VAL A 452 -6.44 -0.78 17.17
N ASN A 453 -6.23 -0.75 15.87
CA ASN A 453 -7.23 -0.17 15.01
C ASN A 453 -7.43 -0.95 13.71
N GLY A 454 -8.60 -0.75 13.11
CA GLY A 454 -8.96 -1.38 11.85
C GLY A 454 -8.91 -0.30 10.81
N VAL A 455 -9.07 -0.72 9.58
CA VAL A 455 -8.91 0.20 8.51
C VAL A 455 -10.21 0.63 7.91
N ALA A 456 -11.36 0.35 8.50
CA ALA A 456 -12.66 0.79 7.97
C ALA A 456 -13.66 0.34 9.00
N ARG A 457 -14.82 0.99 9.06
CA ARG A 457 -15.81 0.80 10.11
C ARG A 457 -16.33 -0.60 10.24
N ILE A 458 -16.70 -1.30 9.16
CA ILE A 458 -17.06 -2.68 9.36
C ILE A 458 -15.83 -3.46 9.80
N HIS A 459 -14.67 -3.41 9.14
CA HIS A 459 -13.49 -4.16 9.56
C HIS A 459 -13.25 -3.87 11.04
N SER A 460 -13.34 -2.63 11.53
CA SER A 460 -13.23 -2.37 12.97
C SER A 460 -14.28 -3.05 13.87
N GLU A 461 -15.52 -3.11 13.42
CA GLU A 461 -16.55 -3.83 14.12
C GLU A 461 -16.38 -5.33 14.08
N ILE A 462 -16.03 -5.92 12.97
CA ILE A 462 -15.75 -7.33 12.88
C ILE A 462 -14.62 -7.76 13.83
N LEU A 463 -13.68 -6.89 14.13
CA LEU A 463 -12.61 -7.22 15.06
C LEU A 463 -13.12 -7.27 16.46
N LYS A 464 -13.98 -6.33 16.83
CA LYS A 464 -14.51 -6.29 18.18
C LYS A 464 -15.47 -7.42 18.41
N LYS A 465 -16.20 -7.81 17.36
CA LYS A 465 -17.21 -8.87 17.46
C LYS A 465 -16.76 -10.29 17.10
N THR A 466 -15.76 -10.49 16.25
CA THR A 466 -15.38 -11.84 15.92
C THR A 466 -13.97 -12.16 16.37
N ILE A 467 -13.05 -11.73 15.53
CA ILE A 467 -11.69 -12.19 15.64
C ILE A 467 -11.09 -11.78 16.97
N PHE A 468 -11.34 -10.57 17.45
CA PHE A 468 -10.71 -10.22 18.70
C PHE A 468 -11.75 -9.89 19.75
N LYS A 469 -12.95 -10.51 19.73
CA LYS A 469 -13.94 -10.29 20.80
C LYS A 469 -13.38 -10.54 22.19
N ASP A 470 -12.64 -11.61 22.48
CA ASP A 470 -12.04 -11.85 23.79
C ASP A 470 -11.21 -10.69 24.35
N PHE A 471 -10.44 -10.05 23.45
CA PHE A 471 -9.52 -8.96 23.74
C PHE A 471 -10.26 -7.66 23.92
N TYR A 472 -11.33 -7.53 23.14
CA TYR A 472 -12.27 -6.43 23.27
C TYR A 472 -12.97 -6.51 24.63
N GLU A 473 -13.42 -7.68 25.10
CA GLU A 473 -14.04 -7.80 26.41
C GLU A 473 -13.05 -7.52 27.50
N LEU A 474 -11.81 -8.03 27.42
CA LEU A 474 -10.77 -7.66 28.38
C LEU A 474 -10.42 -6.17 28.33
N GLU A 475 -10.22 -5.55 27.17
CA GLU A 475 -9.76 -4.16 27.09
C GLU A 475 -10.39 -3.33 25.97
N PRO A 476 -11.66 -2.89 26.19
CA PRO A 476 -12.50 -2.24 25.21
C PRO A 476 -11.83 -0.95 24.83
N HIS A 477 -11.20 -0.25 25.77
CA HIS A 477 -10.51 1.00 25.49
C HIS A 477 -9.46 0.88 24.37
N LYS A 478 -8.90 -0.28 24.02
CA LYS A 478 -7.80 -0.38 23.05
C LYS A 478 -8.26 -0.22 21.64
N PHE A 479 -9.44 -0.80 21.35
CA PHE A 479 -9.93 -0.93 20.00
C PHE A 479 -10.49 0.36 19.46
N GLN A 480 -10.07 0.66 18.22
CA GLN A 480 -10.36 1.90 17.51
C GLN A 480 -10.58 1.58 16.04
N ASN A 481 -10.93 2.57 15.28
CA ASN A 481 -11.06 2.41 13.85
C ASN A 481 -10.39 3.62 13.25
N LYS A 482 -9.73 3.51 12.12
CA LYS A 482 -9.24 4.70 11.47
C LYS A 482 -9.38 4.31 10.03
N THR A 483 -10.33 4.90 9.36
CA THR A 483 -10.62 4.48 8.02
C THR A 483 -9.52 5.09 7.17
N ASN A 484 -9.06 4.32 6.21
CA ASN A 484 -8.04 4.59 5.25
C ASN A 484 -8.39 5.79 4.43
N GLY A 485 -7.33 6.21 3.76
CA GLY A 485 -7.29 7.37 2.92
C GLY A 485 -6.17 7.14 1.88
N ILE A 486 -6.25 8.05 0.93
CA ILE A 486 -5.49 8.17 -0.28
C ILE A 486 -5.00 9.62 -0.28
N THR A 487 -3.86 9.94 -0.92
CA THR A 487 -3.39 11.32 -0.91
C THR A 487 -3.91 12.00 -2.16
N PRO A 488 -4.56 13.16 -1.93
CA PRO A 488 -5.09 13.98 -2.98
C PRO A 488 -4.04 14.49 -3.94
N ARG A 489 -2.77 14.64 -3.49
CA ARG A 489 -1.73 15.10 -4.38
C ARG A 489 -1.40 14.05 -5.43
N ARG A 490 -0.90 12.80 -5.22
CA ARG A 490 -0.65 11.82 -6.31
C ARG A 490 -1.93 11.33 -6.89
N TRP A 491 -2.93 11.05 -6.03
CA TRP A 491 -4.13 10.44 -6.54
C TRP A 491 -5.17 11.40 -7.14
N LEU A 492 -4.90 12.72 -7.16
CA LEU A 492 -5.70 13.63 -7.95
C LEU A 492 -4.85 14.62 -8.73
N VAL A 493 -4.12 15.47 -8.04
CA VAL A 493 -3.36 16.55 -8.64
C VAL A 493 -2.39 16.11 -9.70
N LEU A 494 -1.74 15.01 -9.36
CA LEU A 494 -0.69 14.47 -10.18
C LEU A 494 -1.19 13.56 -11.26
N CYS A 495 -2.06 12.54 -11.09
CA CYS A 495 -2.49 11.77 -12.27
C CYS A 495 -3.68 12.39 -13.04
N ASN A 496 -4.33 13.44 -12.52
CA ASN A 496 -5.52 14.02 -13.15
C ASN A 496 -5.46 15.53 -13.00
N PRO A 497 -4.55 16.19 -13.74
CA PRO A 497 -4.30 17.63 -13.65
C PRO A 497 -5.51 18.31 -14.24
N GLY A 498 -6.05 17.82 -15.35
CA GLY A 498 -7.25 18.34 -15.98
C GLY A 498 -8.48 18.32 -15.08
N LEU A 499 -8.73 17.25 -14.31
CA LEU A 499 -9.85 17.25 -13.39
C LEU A 499 -9.48 18.18 -12.28
N ALA A 500 -8.22 18.28 -11.86
CA ALA A 500 -7.91 19.15 -10.76
C ALA A 500 -8.01 20.58 -11.18
N GLU A 501 -7.66 20.99 -12.41
CA GLU A 501 -7.68 22.38 -12.82
C GLU A 501 -9.15 22.76 -12.91
N ILE A 502 -10.10 21.97 -13.49
CA ILE A 502 -11.50 22.39 -13.59
C ILE A 502 -12.27 22.46 -12.27
N ILE A 503 -11.79 21.69 -11.29
CA ILE A 503 -12.24 21.87 -9.92
C ILE A 503 -11.62 23.14 -9.35
N ALA A 504 -10.34 23.36 -9.64
CA ALA A 504 -9.59 24.52 -9.16
C ALA A 504 -10.21 25.81 -9.67
N GLU A 505 -10.68 25.78 -10.91
CA GLU A 505 -11.39 26.91 -11.50
C GLU A 505 -12.62 27.44 -10.79
N ARG A 506 -13.42 26.58 -10.16
CA ARG A 506 -14.70 26.93 -9.55
C ARG A 506 -14.48 27.16 -8.08
N ILE A 507 -13.87 26.21 -7.36
CA ILE A 507 -13.68 26.37 -5.92
C ILE A 507 -12.25 26.79 -5.46
N GLY A 508 -11.30 27.09 -6.36
CA GLY A 508 -9.98 27.47 -5.92
C GLY A 508 -9.13 26.21 -5.76
N GLU A 509 -7.98 26.31 -5.08
CA GLU A 509 -7.11 25.14 -4.90
C GLU A 509 -6.95 24.72 -3.44
N GLU A 510 -7.49 25.34 -2.40
CA GLU A 510 -7.22 24.95 -1.01
C GLU A 510 -7.65 23.52 -0.63
N TYR A 511 -8.40 22.94 -1.58
CA TYR A 511 -8.93 21.62 -1.43
C TYR A 511 -7.86 20.55 -1.52
N ILE A 512 -6.69 20.83 -2.09
CA ILE A 512 -5.65 19.82 -2.22
C ILE A 512 -5.10 19.43 -0.84
N SER A 513 -5.19 20.27 0.19
CA SER A 513 -4.88 19.84 1.55
C SER A 513 -6.09 20.03 2.47
N ASP A 514 -7.26 20.30 1.87
CA ASP A 514 -8.51 20.30 2.58
C ASP A 514 -9.55 19.70 1.63
N LEU A 515 -9.50 18.40 1.39
CA LEU A 515 -10.38 17.72 0.42
C LEU A 515 -11.85 17.80 0.79
N ASP A 516 -12.24 18.04 2.05
CA ASP A 516 -13.64 18.12 2.42
C ASP A 516 -14.38 19.25 1.68
N GLN A 517 -13.61 20.24 1.24
CA GLN A 517 -14.02 21.35 0.42
C GLN A 517 -14.59 20.96 -0.92
N LEU A 518 -14.37 19.73 -1.33
CA LEU A 518 -14.90 19.33 -2.60
C LEU A 518 -16.40 19.33 -2.57
N ARG A 519 -17.01 19.33 -1.38
CA ARG A 519 -18.45 19.35 -1.22
C ARG A 519 -19.12 20.62 -1.74
N LYS A 520 -18.35 21.71 -1.87
CA LYS A 520 -18.86 22.95 -2.40
C LYS A 520 -19.11 22.72 -3.90
N LEU A 521 -18.73 21.56 -4.46
CA LEU A 521 -19.00 21.14 -5.85
C LEU A 521 -20.41 20.62 -6.06
N LEU A 522 -21.10 20.22 -5.00
CA LEU A 522 -22.51 19.86 -5.17
C LEU A 522 -23.28 21.05 -5.78
N SER A 523 -22.95 22.34 -5.57
CA SER A 523 -23.63 23.46 -6.20
C SER A 523 -23.53 23.39 -7.73
N TYR A 524 -22.50 22.74 -8.29
CA TYR A 524 -22.35 22.72 -9.74
C TYR A 524 -22.90 21.43 -10.34
N VAL A 525 -23.62 20.54 -9.60
CA VAL A 525 -24.14 19.29 -10.17
C VAL A 525 -25.16 19.52 -11.26
N ASP A 526 -25.82 20.67 -11.26
CA ASP A 526 -26.68 21.01 -12.38
C ASP A 526 -26.08 22.10 -13.27
N ASP A 527 -24.78 22.41 -13.19
CA ASP A 527 -24.15 23.39 -14.07
C ASP A 527 -23.79 22.72 -15.38
N GLU A 528 -24.29 23.23 -16.48
CA GLU A 528 -24.03 22.62 -17.75
C GLU A 528 -22.63 22.86 -18.26
N ALA A 529 -21.94 23.87 -17.76
CA ALA A 529 -20.57 24.09 -18.18
C ALA A 529 -19.77 23.04 -17.39
N PHE A 530 -19.98 22.89 -16.07
CA PHE A 530 -19.25 21.91 -15.29
C PHE A 530 -19.47 20.48 -15.73
N ILE A 531 -20.72 20.10 -16.03
CA ILE A 531 -21.04 18.79 -16.54
C ILE A 531 -20.20 18.52 -17.82
N ARG A 532 -20.15 19.43 -18.79
CA ARG A 532 -19.45 19.24 -20.06
C ARG A 532 -17.93 19.16 -19.89
N ASP A 533 -17.36 19.99 -19.02
CA ASP A 533 -15.97 19.96 -18.66
C ASP A 533 -15.67 18.67 -17.97
N VAL A 534 -16.26 18.32 -16.83
CA VAL A 534 -16.07 17.03 -16.19
C VAL A 534 -16.11 15.89 -17.22
N ALA A 535 -17.07 15.88 -18.11
CA ALA A 535 -17.13 14.81 -19.07
C ALA A 535 -16.04 14.91 -20.10
N LYS A 536 -15.54 16.07 -20.47
CA LYS A 536 -14.48 16.13 -21.48
C LYS A 536 -13.14 15.63 -20.89
N VAL A 537 -12.86 15.97 -19.63
CA VAL A 537 -11.71 15.46 -18.92
C VAL A 537 -11.71 13.91 -18.96
N LYS A 538 -12.79 13.24 -18.58
CA LYS A 538 -12.78 11.80 -18.67
C LYS A 538 -12.63 11.30 -20.09
N GLN A 539 -13.16 11.95 -21.13
CA GLN A 539 -12.97 11.46 -22.51
C GLN A 539 -11.55 11.67 -22.99
N GLU A 540 -10.94 12.74 -22.51
CA GLU A 540 -9.55 13.02 -22.78
C GLU A 540 -8.64 11.95 -22.18
N ASN A 541 -8.88 11.66 -20.92
CA ASN A 541 -8.18 10.64 -20.16
C ASN A 541 -8.33 9.33 -20.87
N LYS A 542 -9.56 8.95 -21.27
CA LYS A 542 -9.77 7.72 -22.01
C LYS A 542 -8.94 7.70 -23.27
N LEU A 543 -8.97 8.82 -23.97
CA LEU A 543 -8.22 8.99 -25.18
C LEU A 543 -6.72 8.91 -24.94
N LYS A 544 -6.11 9.43 -23.87
CA LYS A 544 -4.67 9.29 -23.74
C LYS A 544 -4.32 7.84 -23.34
N PHE A 545 -5.18 7.12 -22.60
CA PHE A 545 -4.88 5.76 -22.17
C PHE A 545 -5.02 4.81 -23.33
N ALA A 546 -6.02 4.95 -24.20
CA ALA A 546 -6.13 4.13 -25.40
C ALA A 546 -4.91 4.26 -26.35
N ALA A 547 -4.33 5.49 -26.35
CA ALA A 547 -3.10 5.85 -27.04
C ALA A 547 -2.01 5.05 -26.35
N TYR A 548 -1.78 5.20 -25.01
CA TYR A 548 -0.79 4.47 -24.23
C TYR A 548 -0.83 3.01 -24.58
N LEU A 549 -2.01 2.43 -24.55
CA LEU A 549 -2.24 1.04 -24.88
C LEU A 549 -1.80 0.76 -26.31
N GLU A 550 -2.28 1.48 -27.32
CA GLU A 550 -1.81 1.35 -28.69
C GLU A 550 -0.29 1.44 -28.87
N ARG A 551 0.35 2.31 -28.09
CA ARG A 551 1.78 2.58 -28.08
C ARG A 551 2.51 1.48 -27.34
N GLU A 552 2.72 1.62 -26.01
CA GLU A 552 3.46 0.70 -25.16
C GLU A 552 3.04 -0.75 -25.14
N TYR A 553 1.79 -1.09 -25.44
CA TYR A 553 1.32 -2.47 -25.37
C TYR A 553 0.51 -2.90 -26.60
N LYS A 554 0.53 -2.09 -27.66
CA LYS A 554 -0.17 -2.26 -28.93
C LYS A 554 -1.70 -2.40 -28.97
N VAL A 555 -2.34 -3.31 -28.25
CA VAL A 555 -3.79 -3.60 -28.18
C VAL A 555 -5.01 -2.92 -28.85
N HIS A 556 -5.10 -1.62 -29.20
CA HIS A 556 -6.31 -0.91 -29.74
C HIS A 556 -7.74 -1.31 -29.37
N ILE A 557 -8.26 -0.37 -28.59
CA ILE A 557 -9.56 -0.43 -27.95
C ILE A 557 -10.41 0.77 -28.38
N ASN A 558 -11.72 0.82 -28.13
CA ASN A 558 -12.60 1.92 -28.52
C ASN A 558 -12.71 2.99 -27.45
N PRO A 559 -12.21 4.22 -27.51
CA PRO A 559 -12.41 5.23 -26.46
C PRO A 559 -13.85 5.56 -26.14
N ASN A 560 -14.78 5.20 -27.01
CA ASN A 560 -16.19 5.46 -26.77
C ASN A 560 -16.96 4.41 -25.99
N SER A 561 -16.27 3.39 -25.45
CA SER A 561 -16.91 2.46 -24.57
C SER A 561 -16.80 2.78 -23.07
N LEU A 562 -17.62 2.14 -22.23
CA LEU A 562 -17.54 2.19 -20.76
C LEU A 562 -16.22 1.45 -20.49
N PHE A 563 -15.30 2.05 -19.74
CA PHE A 563 -14.03 1.43 -19.44
C PHE A 563 -14.32 0.92 -18.04
N ASP A 564 -14.53 -0.36 -18.08
CA ASP A 564 -14.83 -1.18 -16.93
C ASP A 564 -13.50 -1.71 -16.33
N VAL A 565 -13.05 -1.33 -15.15
CA VAL A 565 -11.73 -1.79 -14.72
C VAL A 565 -11.68 -2.28 -13.32
N GLN A 566 -11.10 -3.48 -13.19
CA GLN A 566 -10.77 -4.02 -11.87
C GLN A 566 -9.25 -4.08 -11.82
N VAL A 567 -8.51 -3.24 -11.10
CA VAL A 567 -7.07 -3.47 -10.93
C VAL A 567 -6.71 -3.54 -9.42
N LYS A 568 -6.11 -4.61 -8.94
CA LYS A 568 -5.74 -4.86 -7.54
C LYS A 568 -5.00 -6.19 -7.54
N ARG A 569 -4.56 -6.84 -6.46
CA ARG A 569 -3.90 -8.14 -6.61
C ARG A 569 -4.98 -9.19 -6.84
N ILE A 570 -4.49 -10.22 -7.54
CA ILE A 570 -5.28 -11.35 -7.95
C ILE A 570 -5.46 -12.37 -6.83
N HIS A 571 -6.44 -12.10 -5.98
CA HIS A 571 -6.76 -13.07 -4.94
C HIS A 571 -8.22 -13.55 -5.05
N GLU A 572 -8.57 -14.81 -4.71
CA GLU A 572 -9.95 -15.33 -4.73
C GLU A 572 -10.98 -14.47 -4.00
N TYR A 573 -10.69 -13.89 -2.84
CA TYR A 573 -11.64 -13.05 -2.15
C TYR A 573 -11.91 -11.75 -2.88
N LYS A 574 -11.06 -11.35 -3.79
CA LYS A 574 -11.20 -10.07 -4.47
C LYS A 574 -12.18 -10.18 -5.65
N ARG A 575 -12.34 -11.42 -6.13
CA ARG A 575 -13.28 -11.89 -7.14
C ARG A 575 -13.26 -11.46 -8.58
N GLN A 576 -12.04 -11.59 -9.08
CA GLN A 576 -11.79 -11.43 -10.49
C GLN A 576 -12.63 -12.48 -11.22
N LEU A 577 -12.95 -13.64 -10.59
CA LEU A 577 -13.78 -14.68 -11.21
C LEU A 577 -15.22 -14.29 -11.41
N LEU A 578 -15.80 -13.49 -10.50
CA LEU A 578 -17.17 -13.12 -10.60
C LEU A 578 -17.21 -12.19 -11.77
N ASN A 579 -16.36 -11.14 -11.77
CA ASN A 579 -16.23 -10.24 -12.93
C ASN A 579 -16.05 -11.02 -14.22
N CYS A 580 -15.18 -12.03 -14.25
CA CYS A 580 -14.99 -12.88 -15.40
C CYS A 580 -16.29 -13.51 -15.89
N LEU A 581 -17.13 -14.01 -14.96
CA LEU A 581 -18.35 -14.73 -15.26
C LEU A 581 -19.34 -13.80 -15.92
N HIS A 582 -19.37 -12.58 -15.40
CA HIS A 582 -20.10 -11.47 -16.00
C HIS A 582 -19.65 -11.22 -17.43
N VAL A 583 -18.37 -11.07 -17.78
CA VAL A 583 -18.03 -10.82 -19.18
C VAL A 583 -18.29 -12.04 -20.08
N ILE A 584 -18.14 -13.28 -19.63
CA ILE A 584 -18.51 -14.45 -20.43
C ILE A 584 -20.02 -14.33 -20.68
N THR A 585 -20.89 -13.80 -19.76
CA THR A 585 -22.34 -13.69 -19.95
C THR A 585 -22.64 -12.69 -21.07
N LEU A 586 -22.05 -11.50 -20.95
CA LEU A 586 -22.18 -10.42 -21.93
C LEU A 586 -21.97 -10.96 -23.33
N TYR A 587 -20.84 -11.65 -23.48
CA TYR A 587 -20.45 -12.34 -24.68
C TYR A 587 -21.54 -13.27 -25.16
N ASN A 588 -22.04 -14.14 -24.29
CA ASN A 588 -23.07 -15.12 -24.63
C ASN A 588 -24.41 -14.48 -25.03
N ARG A 589 -24.76 -13.36 -24.39
CA ARG A 589 -25.98 -12.64 -24.64
C ARG A 589 -26.00 -11.92 -25.96
N ILE A 590 -24.90 -11.38 -26.41
CA ILE A 590 -24.91 -10.73 -27.70
C ILE A 590 -24.53 -11.76 -28.74
N LYS A 591 -24.18 -12.98 -28.39
CA LYS A 591 -23.96 -14.05 -29.37
C LYS A 591 -25.32 -14.71 -29.74
N LYS A 592 -26.23 -14.70 -28.74
CA LYS A 592 -27.61 -15.14 -28.84
C LYS A 592 -28.41 -14.20 -29.72
N GLU A 593 -28.18 -12.92 -29.49
CA GLU A 593 -28.91 -11.87 -30.13
C GLU A 593 -27.92 -10.91 -30.77
N PRO A 594 -27.15 -11.31 -31.78
CA PRO A 594 -26.03 -10.57 -32.33
C PRO A 594 -26.31 -9.12 -32.65
N ASN A 595 -27.55 -8.88 -33.07
CA ASN A 595 -27.91 -7.58 -33.61
C ASN A 595 -28.71 -6.72 -32.65
N LYS A 596 -28.46 -6.93 -31.35
CA LYS A 596 -29.03 -6.10 -30.31
C LYS A 596 -28.03 -4.99 -29.99
N PHE A 597 -28.50 -3.77 -29.78
CA PHE A 597 -27.59 -2.76 -29.31
C PHE A 597 -27.34 -3.12 -27.87
N VAL A 598 -26.08 -3.06 -27.48
CA VAL A 598 -25.73 -3.19 -26.08
C VAL A 598 -24.78 -2.03 -25.89
N VAL A 599 -24.73 -1.36 -24.73
CA VAL A 599 -23.71 -0.35 -24.47
C VAL A 599 -22.36 -1.04 -24.60
N PRO A 600 -21.50 -0.59 -25.53
CA PRO A 600 -20.17 -1.18 -25.73
C PRO A 600 -19.27 -0.98 -24.49
N ARG A 601 -18.44 -1.94 -24.06
CA ARG A 601 -17.55 -1.73 -22.92
C ARG A 601 -16.25 -2.45 -23.14
N THR A 602 -15.20 -1.81 -22.65
CA THR A 602 -13.84 -2.35 -22.67
C THR A 602 -13.63 -2.83 -21.25
N VAL A 603 -13.49 -4.13 -20.95
CA VAL A 603 -13.21 -4.51 -19.59
C VAL A 603 -11.72 -4.87 -19.44
N MET A 604 -11.10 -4.26 -18.43
CA MET A 604 -9.69 -4.28 -18.13
C MET A 604 -9.49 -4.77 -16.73
N ILE A 605 -8.91 -5.95 -16.58
CA ILE A 605 -8.65 -6.58 -15.28
C ILE A 605 -7.10 -6.59 -15.22
N GLY A 606 -6.41 -6.13 -14.18
CA GLY A 606 -4.96 -6.14 -14.09
C GLY A 606 -4.51 -6.42 -12.66
N GLY A 607 -3.36 -7.05 -12.40
CA GLY A 607 -2.93 -7.33 -11.04
C GLY A 607 -1.97 -8.52 -10.94
N LYS A 608 -1.28 -8.63 -9.82
CA LYS A 608 -0.28 -9.66 -9.80
C LYS A 608 -0.68 -10.81 -8.90
N ALA A 609 -0.29 -12.01 -9.33
CA ALA A 609 -0.49 -13.17 -8.50
C ALA A 609 0.76 -13.44 -7.66
N ALA A 610 0.71 -13.91 -6.43
CA ALA A 610 1.96 -14.25 -5.73
C ALA A 610 2.48 -15.49 -6.43
N PRO A 611 3.77 -15.70 -6.73
CA PRO A 611 4.34 -16.86 -7.41
C PRO A 611 3.79 -18.27 -7.40
N GLY A 612 3.52 -18.78 -6.19
CA GLY A 612 3.03 -20.16 -6.03
C GLY A 612 1.57 -20.26 -5.64
N TYR A 613 0.80 -19.18 -5.92
CA TYR A 613 -0.62 -19.22 -5.69
C TYR A 613 -1.19 -19.71 -7.01
N HIS A 614 -1.44 -21.02 -7.08
CA HIS A 614 -1.94 -21.63 -8.30
C HIS A 614 -3.29 -21.07 -8.77
N MET A 615 -4.33 -20.90 -7.94
CA MET A 615 -5.58 -20.30 -8.35
C MET A 615 -5.41 -18.94 -8.99
N ALA A 616 -4.61 -18.06 -8.40
CA ALA A 616 -4.37 -16.75 -8.95
C ALA A 616 -3.69 -16.85 -10.32
N LYS A 617 -2.74 -17.78 -10.51
CA LYS A 617 -2.09 -17.98 -11.80
C LYS A 617 -3.09 -18.51 -12.78
N MET A 618 -4.08 -19.28 -12.33
CA MET A 618 -5.16 -19.82 -13.11
C MET A 618 -6.16 -18.77 -13.58
N ILE A 619 -6.51 -17.84 -12.69
CA ILE A 619 -7.43 -16.77 -13.03
C ILE A 619 -6.80 -15.84 -14.10
N ILE A 620 -5.50 -15.46 -14.00
CA ILE A 620 -4.86 -14.67 -15.05
C ILE A 620 -4.93 -15.45 -16.37
N LYS A 621 -4.77 -16.79 -16.36
CA LYS A 621 -4.89 -17.56 -17.59
C LYS A 621 -6.33 -17.56 -18.10
N LEU A 622 -7.36 -17.61 -17.23
CA LEU A 622 -8.76 -17.54 -17.64
C LEU A 622 -9.07 -16.23 -18.34
N ILE A 623 -8.67 -15.10 -17.74
CA ILE A 623 -8.91 -13.77 -18.26
C ILE A 623 -8.27 -13.63 -19.61
N THR A 624 -7.01 -14.05 -19.80
CA THR A 624 -6.43 -13.83 -21.10
C THR A 624 -7.13 -14.86 -21.98
N ALA A 625 -7.52 -16.07 -21.57
CA ALA A 625 -8.22 -16.98 -22.47
C ALA A 625 -9.56 -16.42 -23.00
N ILE A 626 -10.29 -15.68 -22.17
CA ILE A 626 -11.54 -15.06 -22.55
C ILE A 626 -11.30 -14.00 -23.61
N GLY A 627 -10.34 -13.10 -23.42
CA GLY A 627 -9.98 -12.05 -24.39
C GLY A 627 -9.47 -12.69 -25.69
N ASP A 628 -8.90 -13.90 -25.65
CA ASP A 628 -8.58 -14.64 -26.86
C ASP A 628 -9.85 -14.94 -27.59
N VAL A 629 -10.94 -15.46 -27.01
CA VAL A 629 -12.20 -15.64 -27.74
C VAL A 629 -12.86 -14.29 -28.11
N VAL A 630 -13.20 -13.44 -27.13
CA VAL A 630 -13.92 -12.18 -27.33
C VAL A 630 -13.28 -11.19 -28.29
N ASN A 631 -11.99 -10.96 -28.11
CA ASN A 631 -11.29 -9.94 -28.89
C ASN A 631 -11.12 -10.42 -30.30
N HIS A 632 -11.48 -11.66 -30.62
CA HIS A 632 -11.35 -12.15 -31.97
C HIS A 632 -12.68 -12.65 -32.49
N ASP A 633 -13.80 -12.28 -31.89
CA ASP A 633 -15.04 -12.73 -32.47
C ASP A 633 -15.57 -11.57 -33.29
N PRO A 634 -15.92 -11.79 -34.58
CA PRO A 634 -16.35 -10.74 -35.48
C PRO A 634 -17.81 -10.33 -35.24
N VAL A 635 -18.64 -11.24 -34.76
CA VAL A 635 -20.02 -10.89 -34.48
C VAL A 635 -20.04 -9.94 -33.28
N VAL A 636 -19.04 -10.05 -32.38
CA VAL A 636 -18.92 -9.16 -31.21
C VAL A 636 -18.58 -7.78 -31.70
N GLY A 637 -17.86 -7.70 -32.80
CA GLY A 637 -17.43 -6.43 -33.34
C GLY A 637 -16.50 -5.79 -32.34
N ASP A 638 -16.70 -4.53 -32.00
CA ASP A 638 -15.90 -3.87 -31.00
C ASP A 638 -16.75 -3.59 -29.80
N ARG A 639 -17.94 -4.19 -29.72
CA ARG A 639 -18.87 -3.93 -28.62
C ARG A 639 -18.38 -4.42 -27.26
N LEU A 640 -17.51 -5.44 -27.24
CA LEU A 640 -16.95 -5.95 -26.02
C LEU A 640 -15.49 -6.29 -26.27
N ARG A 641 -14.57 -5.86 -25.42
CA ARG A 641 -13.18 -6.27 -25.50
C ARG A 641 -12.67 -6.64 -24.09
N VAL A 642 -11.84 -7.67 -23.86
CA VAL A 642 -11.30 -7.96 -22.52
C VAL A 642 -9.78 -7.79 -22.60
N ILE A 643 -9.24 -6.96 -21.76
CA ILE A 643 -7.85 -6.63 -21.76
C ILE A 643 -7.29 -6.99 -20.38
N PHE A 644 -6.31 -7.89 -20.31
CA PHE A 644 -5.60 -8.12 -19.06
C PHE A 644 -4.51 -7.04 -19.04
N LEU A 645 -4.47 -6.30 -17.97
CA LEU A 645 -3.57 -5.19 -17.77
C LEU A 645 -2.27 -5.65 -17.07
N GLU A 646 -1.26 -5.72 -17.93
CA GLU A 646 0.02 -6.26 -17.58
C GLU A 646 0.83 -5.36 -16.67
N ASN A 647 1.55 -5.94 -15.72
CA ASN A 647 2.43 -5.27 -14.77
C ASN A 647 1.92 -4.01 -14.08
N TYR A 648 0.77 -4.30 -13.48
CA TYR A 648 0.02 -3.40 -12.65
C TYR A 648 0.94 -2.95 -11.58
N ARG A 649 0.95 -1.66 -11.23
CA ARG A 649 1.74 -1.13 -10.13
C ARG A 649 1.36 0.32 -9.97
N VAL A 650 1.99 1.08 -9.07
CA VAL A 650 1.63 2.48 -8.92
C VAL A 650 1.71 3.26 -10.22
N SER A 651 2.72 3.26 -11.14
CA SER A 651 2.65 4.22 -12.23
C SER A 651 1.57 3.89 -13.23
N LEU A 652 1.22 2.60 -13.31
CA LEU A 652 0.16 2.20 -14.21
C LEU A 652 -1.12 2.62 -13.52
N ALA A 653 -1.28 2.51 -12.18
CA ALA A 653 -2.52 2.95 -11.55
C ALA A 653 -2.70 4.46 -11.77
N GLU A 654 -1.66 5.27 -11.84
CA GLU A 654 -1.84 6.68 -12.19
C GLU A 654 -2.32 6.90 -13.63
N LYS A 655 -2.11 5.95 -14.53
CA LYS A 655 -2.56 5.98 -15.90
C LYS A 655 -3.97 5.51 -16.04
N VAL A 656 -4.32 4.26 -15.59
CA VAL A 656 -5.67 3.65 -15.61
C VAL A 656 -6.79 4.31 -14.85
N ILE A 657 -6.69 4.52 -13.53
CA ILE A 657 -7.75 5.08 -12.70
C ILE A 657 -8.28 6.42 -13.24
N PRO A 658 -7.59 7.36 -13.90
CA PRO A 658 -8.24 8.51 -14.54
C PRO A 658 -9.10 8.19 -15.76
N ALA A 659 -8.77 7.13 -16.46
CA ALA A 659 -9.43 6.69 -17.66
C ALA A 659 -10.61 5.75 -17.41
N ALA A 660 -10.82 5.37 -16.15
CA ALA A 660 -11.91 4.47 -15.77
C ALA A 660 -13.31 5.12 -15.70
N ASP A 661 -14.32 4.40 -16.17
CA ASP A 661 -15.73 4.77 -16.00
C ASP A 661 -16.30 3.93 -14.87
N LEU A 662 -16.00 2.63 -14.79
CA LEU A 662 -16.62 1.80 -13.75
C LEU A 662 -15.52 1.16 -12.95
N SER A 663 -15.65 1.07 -11.65
CA SER A 663 -14.62 0.55 -10.78
C SER A 663 -15.09 -0.74 -10.15
N GLU A 664 -14.46 -1.88 -10.35
CA GLU A 664 -14.96 -3.10 -9.76
C GLU A 664 -14.50 -3.35 -8.34
N GLN A 665 -15.34 -3.16 -7.30
CA GLN A 665 -14.97 -3.42 -5.90
C GLN A 665 -15.91 -4.50 -5.38
N ILE A 666 -15.66 -5.67 -5.95
CA ILE A 666 -16.55 -6.84 -5.95
C ILE A 666 -16.21 -7.87 -4.89
N SER A 667 -15.56 -7.65 -3.72
CA SER A 667 -15.19 -8.77 -2.86
C SER A 667 -16.40 -9.30 -2.09
N THR A 668 -16.30 -10.50 -1.52
CA THR A 668 -17.38 -11.15 -0.80
C THR A 668 -17.52 -10.30 0.42
N ALA A 669 -18.68 -9.82 0.87
CA ALA A 669 -18.71 -8.94 2.01
C ALA A 669 -18.07 -9.54 3.24
N GLY A 670 -17.33 -8.68 3.91
CA GLY A 670 -16.59 -9.03 5.11
C GLY A 670 -15.16 -9.53 4.91
N THR A 671 -14.62 -9.51 3.69
CA THR A 671 -13.24 -9.93 3.51
C THR A 671 -12.29 -8.74 3.30
N GLU A 672 -12.51 -7.77 2.41
CA GLU A 672 -11.61 -6.68 2.12
C GLU A 672 -11.80 -5.77 3.30
N ALA A 673 -10.73 -5.52 4.03
CA ALA A 673 -10.76 -4.71 5.21
C ALA A 673 -11.12 -3.26 5.00
N SER A 674 -10.62 -2.77 3.89
CA SER A 674 -10.88 -1.39 3.55
C SER A 674 -10.89 -1.32 2.02
N GLY A 675 -9.75 -1.54 1.40
CA GLY A 675 -9.48 -1.29 0.00
C GLY A 675 -9.08 0.20 -0.06
N THR A 676 -8.21 0.66 -0.95
CA THR A 676 -7.91 2.06 -1.15
C THR A 676 -8.03 2.41 -2.64
N GLY A 677 -8.02 1.36 -3.45
CA GLY A 677 -8.21 1.49 -4.89
C GLY A 677 -9.59 2.07 -5.13
N ASN A 678 -10.54 1.57 -4.34
CA ASN A 678 -11.89 2.09 -4.39
C ASN A 678 -11.94 3.57 -4.21
N MET A 679 -11.19 4.17 -3.28
CA MET A 679 -11.22 5.62 -3.04
C MET A 679 -10.56 6.37 -4.20
N LYS A 680 -9.48 5.83 -4.77
CA LYS A 680 -8.81 6.54 -5.83
C LYS A 680 -9.67 6.74 -7.05
N PHE A 681 -10.48 5.74 -7.36
CA PHE A 681 -11.37 5.75 -8.51
C PHE A 681 -12.50 6.73 -8.25
N MET A 682 -12.95 6.83 -7.00
CA MET A 682 -14.00 7.75 -6.67
C MET A 682 -13.51 9.19 -6.83
N LEU A 683 -12.28 9.67 -6.47
CA LEU A 683 -12.02 11.09 -6.71
C LEU A 683 -11.63 11.45 -8.12
N ASN A 684 -11.54 10.41 -8.93
CA ASN A 684 -11.22 10.57 -10.33
C ASN A 684 -12.42 10.33 -11.24
N GLY A 685 -13.67 10.33 -10.75
CA GLY A 685 -14.84 10.27 -11.64
C GLY A 685 -15.16 8.94 -12.32
N ALA A 686 -14.99 7.88 -11.55
CA ALA A 686 -15.46 6.60 -11.99
C ALA A 686 -16.55 6.43 -10.96
N LEU A 687 -17.43 5.54 -11.33
CA LEU A 687 -18.56 5.21 -10.49
C LEU A 687 -18.33 3.81 -9.98
N THR A 688 -18.63 3.55 -8.70
CA THR A 688 -18.42 2.25 -8.15
C THR A 688 -19.55 1.24 -8.32
N ILE A 689 -19.26 0.00 -8.74
CA ILE A 689 -20.18 -1.13 -8.59
C ILE A 689 -19.56 -1.98 -7.46
N GLY A 690 -20.14 -2.22 -6.30
CA GLY A 690 -19.42 -2.95 -5.29
C GLY A 690 -20.29 -3.48 -4.19
N THR A 691 -19.85 -4.51 -3.47
CA THR A 691 -20.51 -5.15 -2.34
C THR A 691 -20.47 -4.23 -1.14
N MET A 692 -21.26 -4.46 -0.11
CA MET A 692 -21.19 -3.60 1.05
C MET A 692 -20.04 -4.25 1.86
N ASP A 693 -18.81 -3.89 1.49
CA ASP A 693 -17.60 -4.46 2.07
C ASP A 693 -16.67 -3.31 2.27
N GLY A 694 -15.67 -3.50 3.11
CA GLY A 694 -14.62 -2.53 3.28
C GLY A 694 -15.06 -1.10 3.47
N ALA A 695 -14.34 -0.15 2.89
CA ALA A 695 -14.80 1.22 2.97
C ALA A 695 -15.89 1.50 1.91
N ASN A 696 -16.26 0.60 0.98
CA ASN A 696 -17.37 0.77 0.01
C ASN A 696 -18.63 1.19 0.74
N VAL A 697 -18.83 0.63 1.95
CA VAL A 697 -19.93 0.99 2.84
C VAL A 697 -19.83 2.46 3.20
N GLU A 698 -18.66 3.05 3.59
CA GLU A 698 -18.56 4.45 4.00
C GLU A 698 -18.57 5.36 2.83
N MET A 699 -18.17 4.87 1.69
CA MET A 699 -18.24 5.65 0.47
C MET A 699 -19.69 5.84 -0.01
N ALA A 700 -20.47 4.77 -0.13
CA ALA A 700 -21.89 4.80 -0.47
C ALA A 700 -22.64 5.67 0.52
N GLU A 701 -22.25 5.58 1.77
CA GLU A 701 -22.82 6.34 2.81
C GLU A 701 -22.48 7.79 2.59
N GLU A 702 -21.32 8.12 2.09
CA GLU A 702 -20.95 9.51 1.85
C GLU A 702 -21.63 10.09 0.62
N ALA A 703 -21.74 9.34 -0.47
CA ALA A 703 -22.36 9.87 -1.67
C ALA A 703 -23.89 9.69 -1.72
N GLY A 704 -24.38 8.74 -0.93
CA GLY A 704 -25.74 8.29 -0.93
C GLY A 704 -25.79 6.97 -1.70
N GLU A 705 -26.43 5.97 -1.14
CA GLU A 705 -26.62 4.71 -1.83
C GLU A 705 -27.22 4.87 -3.21
N GLU A 706 -28.10 5.84 -3.47
CA GLU A 706 -28.64 6.08 -4.81
C GLU A 706 -27.56 6.42 -5.83
N ASN A 707 -26.48 7.08 -5.36
CA ASN A 707 -25.38 7.43 -6.25
C ASN A 707 -24.29 6.36 -6.42
N PHE A 708 -24.35 5.27 -5.64
CA PHE A 708 -23.42 4.17 -5.72
C PHE A 708 -24.08 2.96 -6.40
N PHE A 709 -23.39 1.95 -6.94
CA PHE A 709 -24.05 0.77 -7.47
C PHE A 709 -23.79 -0.49 -6.65
N ILE A 710 -24.36 -0.54 -5.45
CA ILE A 710 -24.28 -1.67 -4.52
C ILE A 710 -25.15 -2.83 -5.00
N PHE A 711 -24.72 -4.05 -4.76
CA PHE A 711 -25.47 -5.26 -5.08
C PHE A 711 -24.99 -6.25 -4.01
N GLY A 712 -25.44 -7.50 -4.13
CA GLY A 712 -24.90 -8.59 -3.36
C GLY A 712 -25.30 -8.67 -1.90
N MET A 713 -24.83 -9.80 -1.41
CA MET A 713 -25.00 -10.29 -0.08
C MET A 713 -24.29 -9.31 0.86
N ARG A 714 -24.95 -8.94 1.93
CA ARG A 714 -24.39 -8.12 3.00
C ARG A 714 -23.64 -9.12 3.86
N VAL A 715 -22.90 -8.80 4.92
CA VAL A 715 -22.16 -9.82 5.67
C VAL A 715 -23.10 -10.74 6.45
N GLU A 716 -24.18 -10.27 7.12
CA GLU A 716 -25.20 -11.11 7.76
C GLU A 716 -25.72 -12.29 6.88
N ASP A 717 -25.99 -12.03 5.62
CA ASP A 717 -26.40 -13.01 4.63
C ASP A 717 -25.25 -13.96 4.36
N VAL A 718 -24.00 -13.53 4.49
CA VAL A 718 -22.90 -14.42 4.26
C VAL A 718 -22.84 -15.38 5.44
N ASP A 719 -22.92 -14.94 6.68
CA ASP A 719 -22.95 -15.86 7.80
C ASP A 719 -24.19 -16.76 7.70
N ARG A 720 -25.39 -16.28 7.37
CA ARG A 720 -26.58 -17.12 7.19
C ARG A 720 -26.32 -18.22 6.19
N LEU A 721 -25.65 -17.94 5.07
CA LEU A 721 -25.36 -18.95 4.08
C LEU A 721 -24.37 -19.95 4.61
N ASP A 722 -23.51 -19.53 5.51
CA ASP A 722 -22.58 -20.46 6.10
C ASP A 722 -23.23 -21.30 7.17
N GLN A 723 -24.19 -20.74 7.91
CA GLN A 723 -24.92 -21.48 8.93
C GLN A 723 -25.63 -22.63 8.24
N ARG A 724 -26.23 -22.27 7.10
CA ARG A 724 -27.00 -23.15 6.22
C ARG A 724 -26.04 -24.10 5.52
N GLY A 725 -24.94 -23.58 5.01
CA GLY A 725 -24.08 -24.36 4.17
C GLY A 725 -24.35 -23.91 2.74
N TYR A 726 -23.28 -23.40 2.18
CA TYR A 726 -23.29 -22.93 0.84
C TYR A 726 -23.30 -24.14 -0.08
N ASN A 727 -24.20 -24.26 -1.03
CA ASN A 727 -24.14 -25.33 -1.98
C ASN A 727 -24.25 -24.64 -3.33
N ALA A 728 -23.10 -24.60 -4.00
CA ALA A 728 -22.95 -24.02 -5.30
C ALA A 728 -23.65 -24.82 -6.37
N GLN A 729 -24.04 -26.10 -6.18
CA GLN A 729 -24.78 -26.84 -7.20
C GLN A 729 -26.16 -26.18 -7.31
N GLU A 730 -26.72 -25.65 -6.22
CA GLU A 730 -27.99 -24.94 -6.19
C GLU A 730 -28.07 -23.77 -7.18
N TYR A 731 -26.97 -23.01 -7.29
CA TYR A 731 -26.96 -21.85 -8.15
C TYR A 731 -26.76 -22.27 -9.58
N TYR A 732 -26.15 -23.42 -9.75
CA TYR A 732 -25.88 -23.90 -11.08
C TYR A 732 -27.16 -24.43 -11.70
N ASP A 733 -27.85 -25.25 -10.91
CA ASP A 733 -29.12 -25.84 -11.28
C ASP A 733 -30.18 -24.79 -11.61
N ARG A 734 -30.45 -23.85 -10.69
CA ARG A 734 -31.40 -22.77 -10.93
C ARG A 734 -31.01 -21.71 -11.98
N ILE A 735 -29.76 -21.48 -12.41
CA ILE A 735 -29.48 -20.38 -13.32
C ILE A 735 -28.86 -20.86 -14.62
N PRO A 736 -29.61 -20.97 -15.71
CA PRO A 736 -29.14 -21.44 -17.01
C PRO A 736 -27.98 -20.69 -17.60
N GLU A 737 -27.91 -19.36 -17.53
CA GLU A 737 -26.76 -18.60 -18.06
C GLU A 737 -25.52 -19.05 -17.28
N LEU A 738 -25.59 -19.25 -15.96
CA LEU A 738 -24.47 -19.75 -15.17
C LEU A 738 -24.08 -21.18 -15.57
N ARG A 739 -25.07 -22.05 -15.74
CA ARG A 739 -24.86 -23.43 -16.16
C ARG A 739 -24.15 -23.49 -17.51
N GLN A 740 -24.60 -22.68 -18.44
CA GLN A 740 -23.98 -22.58 -19.74
C GLN A 740 -22.51 -22.12 -19.60
N ILE A 741 -22.20 -21.12 -18.78
CA ILE A 741 -20.84 -20.66 -18.62
C ILE A 741 -19.94 -21.78 -18.08
N ILE A 742 -20.35 -22.48 -17.01
CA ILE A 742 -19.59 -23.58 -16.44
C ILE A 742 -19.31 -24.62 -17.51
N GLU A 743 -20.32 -25.17 -18.16
CA GLU A 743 -20.09 -26.07 -19.25
C GLU A 743 -19.13 -25.57 -20.29
N GLN A 744 -19.15 -24.30 -20.72
CA GLN A 744 -18.19 -23.79 -21.69
C GLN A 744 -16.79 -23.93 -21.17
N LEU A 745 -16.62 -23.66 -19.88
CA LEU A 745 -15.35 -23.83 -19.23
C LEU A 745 -14.96 -25.30 -19.18
N SER A 746 -15.83 -26.19 -18.70
CA SER A 746 -15.63 -27.64 -18.63
C SER A 746 -15.40 -28.30 -19.98
N SER A 747 -15.76 -27.72 -21.11
CA SER A 747 -15.63 -28.43 -22.36
C SER A 747 -14.51 -27.95 -23.23
N GLY A 748 -13.78 -26.95 -22.78
CA GLY A 748 -12.73 -26.41 -23.59
C GLY A 748 -13.19 -25.43 -24.65
N PHE A 749 -14.30 -24.69 -24.43
CA PHE A 749 -14.71 -23.68 -25.40
C PHE A 749 -13.66 -22.57 -25.36
N PHE A 750 -13.28 -22.23 -24.12
CA PHE A 750 -12.26 -21.22 -23.87
C PHE A 750 -10.82 -21.76 -23.85
N SER A 751 -10.59 -23.07 -23.97
CA SER A 751 -9.24 -23.59 -24.05
C SER A 751 -9.17 -24.74 -25.07
N PRO A 752 -9.24 -24.50 -26.39
CA PRO A 752 -9.56 -25.51 -27.41
C PRO A 752 -8.58 -26.67 -27.51
N LYS A 753 -7.31 -26.34 -27.72
CA LYS A 753 -6.24 -27.31 -27.87
C LYS A 753 -5.93 -28.04 -26.55
N GLN A 754 -6.56 -27.69 -25.43
CA GLN A 754 -6.40 -28.38 -24.17
C GLN A 754 -7.61 -28.16 -23.30
N PRO A 755 -8.64 -28.97 -23.52
CA PRO A 755 -10.00 -28.71 -23.05
C PRO A 755 -10.23 -28.75 -21.52
N ASP A 756 -9.56 -29.68 -20.86
CA ASP A 756 -9.65 -29.84 -19.43
C ASP A 756 -8.83 -28.76 -18.69
N LEU A 757 -8.13 -27.86 -19.42
CA LEU A 757 -7.31 -26.81 -18.83
C LEU A 757 -7.91 -26.10 -17.64
N PHE A 758 -9.17 -25.68 -17.73
CA PHE A 758 -9.75 -24.97 -16.64
C PHE A 758 -10.50 -25.82 -15.64
N LYS A 759 -10.18 -27.09 -15.47
CA LYS A 759 -10.97 -27.87 -14.54
C LYS A 759 -10.56 -27.62 -13.10
N ASP A 760 -9.44 -26.99 -12.76
CA ASP A 760 -9.19 -26.63 -11.36
C ASP A 760 -10.16 -25.57 -10.81
N ILE A 761 -10.44 -24.57 -11.64
CA ILE A 761 -11.31 -23.42 -11.36
C ILE A 761 -12.81 -23.81 -11.33
N VAL A 762 -13.23 -24.65 -12.28
CA VAL A 762 -14.57 -25.20 -12.30
C VAL A 762 -14.76 -26.03 -11.04
N ASN A 763 -13.84 -26.94 -10.74
CA ASN A 763 -13.96 -27.81 -9.57
C ASN A 763 -14.06 -27.02 -8.28
N MET A 764 -13.31 -25.93 -8.20
CA MET A 764 -13.34 -25.10 -7.02
C MET A 764 -14.68 -24.41 -6.90
N LEU A 765 -15.13 -23.61 -7.90
CA LEU A 765 -16.39 -22.88 -7.85
C LEU A 765 -17.51 -23.83 -7.43
N MET A 766 -17.50 -25.01 -8.06
CA MET A 766 -18.45 -26.03 -7.72
C MET A 766 -18.31 -26.66 -6.35
N HIS A 767 -17.09 -26.90 -5.87
CA HIS A 767 -16.99 -27.65 -4.65
C HIS A 767 -16.14 -27.04 -3.59
N HIS A 768 -15.48 -25.92 -3.70
CA HIS A 768 -14.52 -25.52 -2.65
C HIS A 768 -14.50 -24.01 -2.65
N ASP A 769 -15.63 -23.38 -2.97
CA ASP A 769 -15.64 -21.92 -3.00
C ASP A 769 -15.76 -21.23 -1.65
N ARG A 770 -14.58 -20.90 -1.15
CA ARG A 770 -14.43 -20.19 0.09
C ARG A 770 -15.06 -18.83 -0.02
N PHE A 771 -15.24 -18.24 -1.20
CA PHE A 771 -15.75 -16.90 -1.31
C PHE A 771 -17.10 -16.72 -2.02
N LYS A 772 -17.83 -17.82 -2.24
CA LYS A 772 -19.21 -17.79 -2.71
C LYS A 772 -19.41 -17.03 -4.01
N VAL A 773 -18.79 -17.41 -5.12
CA VAL A 773 -18.93 -16.60 -6.34
C VAL A 773 -20.31 -16.72 -7.00
N PHE A 774 -20.94 -17.88 -6.88
CA PHE A 774 -22.25 -18.07 -7.44
C PHE A 774 -23.33 -17.36 -6.66
N ALA A 775 -23.15 -17.19 -5.35
CA ALA A 775 -24.16 -16.57 -4.55
C ALA A 775 -24.48 -15.14 -4.92
N ASP A 776 -23.48 -14.43 -5.43
CA ASP A 776 -23.71 -13.05 -5.83
C ASP A 776 -23.92 -12.79 -7.32
N TYR A 777 -23.91 -13.84 -8.14
CA TYR A 777 -24.02 -13.69 -9.59
C TYR A 777 -25.35 -13.13 -10.13
N GLU A 778 -26.54 -13.51 -9.63
CA GLU A 778 -27.80 -12.93 -10.06
C GLU A 778 -27.82 -11.42 -9.85
N GLU A 779 -27.64 -10.98 -8.60
CA GLU A 779 -27.68 -9.57 -8.26
C GLU A 779 -26.57 -8.78 -8.92
N TYR A 780 -25.44 -9.45 -9.22
CA TYR A 780 -24.34 -8.81 -9.92
C TYR A 780 -24.70 -8.63 -11.38
N VAL A 781 -25.08 -9.61 -12.24
CA VAL A 781 -25.43 -9.26 -13.62
C VAL A 781 -26.64 -8.30 -13.65
N LYS A 782 -27.58 -8.35 -12.71
CA LYS A 782 -28.63 -7.35 -12.57
C LYS A 782 -28.07 -5.96 -12.38
N CYS A 783 -27.24 -5.70 -11.36
CA CYS A 783 -26.63 -4.39 -11.10
C CYS A 783 -25.89 -3.84 -12.31
N GLN A 784 -25.23 -4.77 -13.03
CA GLN A 784 -24.48 -4.46 -14.23
C GLN A 784 -25.41 -4.03 -15.34
N GLU A 785 -26.64 -4.55 -15.41
CA GLU A 785 -27.62 -4.03 -16.35
C GLU A 785 -27.98 -2.61 -15.92
N ARG A 786 -28.12 -2.26 -14.66
CA ARG A 786 -28.36 -0.88 -14.26
C ARG A 786 -27.22 0.11 -14.56
N VAL A 787 -25.91 -0.21 -14.68
CA VAL A 787 -24.90 0.83 -14.98
C VAL A 787 -24.97 1.09 -16.48
N SER A 788 -25.14 0.11 -17.35
CA SER A 788 -25.30 0.29 -18.78
C SER A 788 -26.52 1.12 -19.18
N ALA A 789 -27.58 0.96 -18.39
CA ALA A 789 -28.77 1.78 -18.54
C ALA A 789 -28.37 3.26 -18.42
N LEU A 790 -27.66 3.58 -17.36
CA LEU A 790 -27.25 4.94 -17.06
C LEU A 790 -26.11 5.40 -17.95
N TYR A 791 -25.28 4.52 -18.47
CA TYR A 791 -24.16 4.97 -19.22
C TYR A 791 -24.60 5.70 -20.49
N LYS A 792 -25.65 5.12 -21.07
CA LYS A 792 -26.16 5.70 -22.27
C LYS A 792 -27.14 6.81 -22.00
N ASN A 793 -27.12 7.37 -20.79
CA ASN A 793 -27.75 8.65 -20.53
C ASN A 793 -26.58 9.42 -19.94
N PRO A 794 -25.62 9.81 -20.80
CA PRO A 794 -24.38 10.45 -20.38
C PRO A 794 -24.51 11.63 -19.42
N ARG A 795 -25.45 12.56 -19.55
CA ARG A 795 -25.56 13.72 -18.66
C ARG A 795 -25.97 13.26 -17.27
N GLU A 796 -26.63 12.14 -17.19
CA GLU A 796 -27.02 11.68 -15.90
C GLU A 796 -25.92 10.82 -15.33
N TRP A 797 -25.05 10.13 -16.10
CA TRP A 797 -23.81 9.55 -15.52
C TRP A 797 -22.94 10.69 -14.99
N THR A 798 -22.62 11.76 -15.73
CA THR A 798 -21.75 12.79 -15.21
C THR A 798 -22.29 13.44 -13.96
N ARG A 799 -23.61 13.57 -13.82
CA ARG A 799 -24.15 14.13 -12.61
C ARG A 799 -24.01 13.16 -11.45
N MET A 800 -24.07 11.84 -11.66
CA MET A 800 -23.81 10.86 -10.59
C MET A 800 -22.33 10.93 -10.22
N VAL A 801 -21.44 10.88 -11.22
CA VAL A 801 -19.99 11.13 -11.08
C VAL A 801 -19.73 12.42 -10.27
N ILE A 802 -20.41 13.56 -10.55
CA ILE A 802 -20.17 14.82 -9.84
C ILE A 802 -20.53 14.68 -8.38
N ARG A 803 -21.41 13.77 -8.01
CA ARG A 803 -21.82 13.56 -6.63
C ARG A 803 -20.91 12.58 -5.91
N ASN A 804 -20.17 11.76 -6.67
CA ASN A 804 -19.15 10.90 -6.10
C ASN A 804 -17.93 11.79 -5.88
N ILE A 805 -17.40 12.47 -6.91
CA ILE A 805 -16.29 13.38 -6.74
C ILE A 805 -16.53 14.38 -5.66
N ALA A 806 -17.71 14.95 -5.55
CA ALA A 806 -17.98 15.94 -4.54
C ALA A 806 -18.06 15.42 -3.12
N THR A 807 -18.17 14.13 -2.94
CA THR A 807 -18.27 13.57 -1.64
C THR A 807 -17.05 12.72 -1.16
N SER A 808 -15.97 12.66 -1.97
CA SER A 808 -14.68 12.04 -1.65
C SER A 808 -13.91 12.63 -0.45
N GLY A 809 -14.14 13.85 0.09
CA GLY A 809 -13.38 14.41 1.19
C GLY A 809 -12.96 13.49 2.31
N LYS A 810 -13.87 12.71 2.90
CA LYS A 810 -13.53 11.82 4.02
C LYS A 810 -12.39 10.83 3.67
N PHE A 811 -12.10 10.60 2.39
CA PHE A 811 -11.16 9.57 2.04
C PHE A 811 -9.77 10.13 1.71
N SER A 812 -9.43 11.26 2.31
CA SER A 812 -8.11 11.77 2.23
C SER A 812 -7.33 11.15 3.39
N SER A 813 -6.03 10.90 3.11
CA SER A 813 -5.08 10.41 4.11
C SER A 813 -4.75 11.52 5.08
N ASP A 814 -5.10 12.75 4.74
CA ASP A 814 -4.81 13.83 5.67
C ASP A 814 -5.83 13.75 6.77
N ARG A 815 -7.10 13.41 6.49
CA ARG A 815 -8.10 13.15 7.53
C ARG A 815 -7.67 11.90 8.34
N THR A 816 -7.32 10.75 7.76
CA THR A 816 -6.90 9.56 8.50
C THR A 816 -5.72 9.87 9.45
N ILE A 817 -4.71 10.60 8.93
CA ILE A 817 -3.56 10.91 9.73
C ILE A 817 -3.95 11.92 10.77
N ALA A 818 -4.67 13.01 10.50
CA ALA A 818 -5.19 13.88 11.58
C ALA A 818 -5.97 13.09 12.64
N GLN A 819 -6.66 11.97 12.33
CA GLN A 819 -7.23 11.19 13.42
C GLN A 819 -6.23 10.27 14.11
N TYR A 820 -5.21 9.59 13.51
CA TYR A 820 -4.20 8.86 14.29
C TYR A 820 -3.42 9.83 15.16
N ALA A 821 -3.06 10.96 14.58
CA ALA A 821 -2.37 12.04 15.27
C ALA A 821 -3.06 12.38 16.58
N ARG A 822 -4.29 12.90 16.54
CA ARG A 822 -5.12 13.16 17.71
C ARG A 822 -5.51 12.00 18.61
N GLU A 823 -5.89 10.82 18.13
CA GLU A 823 -6.49 9.82 19.01
C GLU A 823 -5.64 8.63 19.37
N ILE A 824 -4.47 8.49 18.70
CA ILE A 824 -3.52 7.44 18.97
C ILE A 824 -2.12 7.98 19.33
N TRP A 825 -1.57 8.92 18.58
CA TRP A 825 -0.19 9.36 18.81
C TRP A 825 -0.26 10.56 19.72
N GLY A 826 -1.33 11.34 19.79
CA GLY A 826 -1.42 12.42 20.76
C GLY A 826 -0.65 13.64 20.35
N VAL A 827 -0.59 13.98 19.06
CA VAL A 827 0.10 15.17 18.51
C VAL A 827 -0.95 15.99 17.76
N GLU A 828 -0.83 17.30 17.57
CA GLU A 828 -1.85 18.03 16.84
C GLU A 828 -1.24 18.22 15.49
N PRO A 829 -1.86 17.85 14.38
CA PRO A 829 -1.45 18.33 13.06
C PRO A 829 -1.19 19.83 12.92
N SER A 830 -0.62 20.31 11.81
CA SER A 830 -0.45 21.71 11.55
C SER A 830 -0.26 21.91 10.04
N ARG A 831 -0.48 23.11 9.52
CA ARG A 831 -0.29 23.40 8.09
C ARG A 831 0.50 24.68 7.84
N GLN A 832 1.00 25.26 8.93
CA GLN A 832 1.76 26.49 8.89
C GLN A 832 3.05 26.09 8.20
N ARG A 833 3.31 26.73 7.06
CA ARG A 833 4.52 26.42 6.33
C ARG A 833 5.75 26.91 7.09
N LEU A 834 6.69 25.96 7.13
CA LEU A 834 7.98 26.14 7.79
C LEU A 834 8.73 27.19 6.98
N PRO A 835 9.56 28.03 7.59
CA PRO A 835 10.21 29.14 6.92
C PRO A 835 10.95 28.65 5.69
N ALA A 836 10.63 29.51 4.74
CA ALA A 836 11.13 29.47 3.40
C ALA A 836 12.51 28.88 3.27
N PRO A 837 12.72 27.99 2.30
CA PRO A 837 13.97 27.25 2.07
C PRO A 837 15.33 27.90 2.38
N ASP A 838 15.36 29.20 2.18
CA ASP A 838 16.54 30.05 2.25
C ASP A 838 17.73 29.91 3.16
N GLU A 839 18.71 30.03 2.25
CA GLU A 839 20.14 29.89 2.38
C GLU A 839 20.65 29.62 3.79
N LYS A 840 21.43 30.54 4.38
CA LYS A 840 22.13 30.46 5.63
C LYS A 840 22.84 29.16 5.97
N ILE A 841 24.16 29.16 5.95
CA ILE A 841 24.84 28.14 6.73
C ILE A 841 25.27 29.06 7.90
N PRO A 842 24.72 28.76 9.09
CA PRO A 842 24.95 29.56 10.30
C PRO A 842 26.18 29.20 11.16
C1 GLC B . -5.88 -26.38 28.83
C2 GLC B . -6.16 -25.12 29.64
C3 GLC B . -5.34 -23.92 29.20
C4 GLC B . -3.76 -24.20 29.23
C5 GLC B . -3.41 -25.77 29.08
C6 GLC B . -3.07 -26.47 30.40
O1 GLC B . -6.71 -26.35 27.64
O2 GLC B . -7.54 -24.72 29.46
O3 GLC B . -5.68 -22.86 30.13
O4 GLC B . -3.07 -23.49 28.12
O5 GLC B . -4.50 -26.56 28.47
O6 GLC B . -3.67 -25.81 31.51
C1 GLC B . -3.09 -22.03 28.10
C2 GLC B . -2.56 -21.54 26.76
C3 GLC B . -1.08 -21.91 26.61
C4 GLC B . -0.27 -21.40 27.83
C5 GLC B . -0.92 -21.85 29.16
C6 GLC B . -0.27 -21.24 30.40
O2 GLC B . -3.28 -22.05 25.62
O3 GLC B . -0.54 -21.34 25.40
O4 GLC B . 1.10 -21.93 27.77
O5 GLC B . -2.32 -21.48 29.18
O6 GLC B . -1.12 -21.54 31.52
C1 GLC B . 2.09 -21.14 27.10
C2 GLC B . 3.29 -21.95 26.71
C3 GLC B . 4.30 -22.06 27.82
C4 GLC B . 4.64 -20.71 28.39
C5 GLC B . 3.35 -20.05 28.87
C6 GLC B . 3.56 -18.64 29.34
O2 GLC B . 2.83 -23.28 26.41
O3 GLC B . 5.52 -22.66 27.39
O4 GLC B . 5.54 -21.04 29.46
O5 GLC B . 2.42 -19.96 27.81
O6 GLC B . 3.87 -17.87 28.19
C1 GLC B . 6.92 -20.62 29.43
C2 GLC B . 7.80 -21.69 30.10
C3 GLC B . 7.48 -21.75 31.55
C4 GLC B . 7.69 -20.37 32.20
C5 GLC B . 6.80 -19.29 31.48
C6 GLC B . 6.97 -17.80 31.85
O2 GLC B . 7.56 -22.98 29.51
O3 GLC B . 8.31 -22.75 32.16
O4 GLC B . 7.33 -20.56 33.60
O5 GLC B . 7.04 -19.33 30.07
O6 GLC B . 8.31 -17.30 31.59
C1 GLC B . 8.48 -20.74 34.50
C2 GLC B . 8.00 -21.20 35.87
C3 GLC B . 7.20 -20.13 36.56
C4 GLC B . 8.01 -18.84 36.69
C5 GLC B . 8.57 -18.41 35.29
C6 GLC B . 9.59 -17.24 35.28
O2 GLC B . 7.16 -22.32 35.69
O3 GLC B . 6.81 -20.56 37.85
O4 GLC B . 7.08 -17.89 37.23
O5 GLC B . 9.23 -19.52 34.63
O6 GLC B . 10.95 -17.76 35.42
C1 GPM C . -4.74 -4.69 2.57
C2 GPM C . -6.30 -4.93 2.77
C3 GPM C . -7.03 -3.69 2.13
C4 GPM C . -6.59 -2.44 2.92
C5 GPM C . -5.04 -2.24 2.85
C6 GPM C . -4.49 -1.08 3.63
C7 GPM C . -4.08 -4.44 1.17
O2 GPM C . -6.88 -6.11 2.21
O3 GPM C . -8.43 -3.89 2.23
O4 GPM C . -7.21 -1.26 2.42
O5 GPM C . -4.39 -3.46 3.31
O6 GPM C . -4.84 -1.24 5.03
P GPM C . -4.11 -5.51 -0.26
O1P GPM C . -5.57 -5.48 -0.71
O2P GPM C . -3.25 -4.90 -1.35
O3P GPM C . -3.59 -6.82 0.30
C1 GPM D . 20.49 13.14 10.03
C2 GPM D . 21.82 13.91 10.37
C3 GPM D . 21.47 15.34 10.81
C4 GPM D . 20.91 16.07 9.57
C5 GPM D . 19.61 15.27 9.07
C6 GPM D . 19.08 15.77 7.70
C7 GPM D . 19.35 12.99 11.13
O2 GPM D . 22.64 13.34 11.38
O3 GPM D . 22.62 16.00 11.32
O4 GPM D . 20.61 17.41 10.03
O5 GPM D . 19.90 13.84 8.88
O6 GPM D . 20.09 15.55 6.70
P GPM D . 19.57 11.88 12.59
O1P GPM D . 20.93 11.95 13.12
O2P GPM D . 18.54 12.25 13.61
O3P GPM D . 19.29 10.48 12.07
N1 PLP E . -1.82 -1.71 -5.94
C2 PLP E . -1.50 -0.46 -6.39
C2A PLP E . -0.59 -0.35 -7.53
C3 PLP E . -2.15 0.65 -5.91
O3 PLP E . -2.03 1.86 -6.60
C4 PLP E . -3.14 0.46 -4.95
C4A PLP E . -3.82 1.69 -4.32
C5 PLP E . -3.47 -0.81 -4.53
C6 PLP E . -2.81 -1.88 -5.02
C5A PLP E . -4.72 -1.09 -3.67
O4P PLP E . -5.82 -1.71 -4.38
P PLP E . -7.12 -2.28 -3.60
O1P PLP E . -7.29 -1.54 -2.36
O2P PLP E . -8.17 -2.28 -4.61
O3P PLP E . -6.87 -3.78 -3.26
#